data_5LEW
#
_entry.id   5LEW
#
_cell.length_a   256.044
_cell.length_b   256.044
_cell.length_c   187.350
_cell.angle_alpha   90.000
_cell.angle_beta   90.000
_cell.angle_gamma   120.000
#
_symmetry.space_group_name_H-M   'H 3 2'
#
loop_
_entity.id
_entity.type
_entity.pdbx_description
1 polymer 'DNA polymerase III subunit alpha'
2 non-polymer 'ZINC ION'
3 non-polymer 'SULFATE ION'
4 non-polymer '4-(2-HYDROXYETHYL)-1-PIPERAZINE ETHANESULFONIC ACID'
5 water water
#
_entity_poly.entity_id   1
_entity_poly.type   'polypeptide(L)'
_entity_poly.pdbx_seq_one_letter_code
;GSSFVHLHNHTEYSMLDGAAKITPMLAEVERLGMPAVGMTDHGNMFGASEFYNSATKAGIKPIIGVEAYIAPGSRFDTRR
ILWGDPSQKADDVSGSGSYTHLTMMAENATGLRNLFKLSSHASFEGQLSKWSRMDAELIAEHAEGIIITTGCPSGEVQTR
LRLGQDREALEAAAKWREIVGPDNYFLELMDHGLTIERRVRDGLLEIGRALNIPPLATNDCHYVTRDAAHNHEALLCVQT
GKTLSDPNRFKFDGDGYYLKSAAEMRQIWDDEVPGACDSTLLIAERVQSYADVWTPRDRMPVFPVPDGHDQASWLRHEVD
AGLRRRFPAGPPDGYRERAAYEIDVICSKGFPSYFLIVADLISYARSAGIRVGPGRGSAAGSLVAYALGITDIDPIPHGL
LFERFLNPERTSMPDIDIDFDDRRRGEMVRYAADKWGHDRVAQVITFGTIKTKAALKDSARIHYGQPGFAIADRITKALP
PAIMAKDIPLSGITDPSHERYKEAAEVRGLIETDPDVRTIYQTARGLEGLIRNAGVHACAVIMSSEPLTEAIPLWKRPQD
GAIITGWDYPACEAIGLLKMDFLGLRNLTIIGDAIDNVRANRGIDLDLESVPLDDKATYELLGRGDTLGVFQLDGGPMRD
LLRRMQPTGFEDVVAVIALYRPGPMGMNAHNDYADRKNNRQAIKPIHPELEEPLREILAETYGLIVYQEQIMRIAQKVAS
YSLARADILRKAMGKKKREVLEKEFEGFSDGMQANGFSPAAIKALWDTILPFADYAFNKSHAAGYGMVSYWTAYLKANYP
AEYMAGLLTSVGDDKDKAAVYLADCRKLGITVLPPDVNESGLNFASVGQDIRYGLGAVRNVGANVVGSLLQTRNDKGKFT
DFSDYLNKIDISACNKKVTESLIKAGAFDSLGHARKGLFLVHSDAVD
;
_entity_poly.pdbx_strand_id   A
#
# COMPACT_ATOMS: atom_id res chain seq x y z
N GLY A 1 26.87 27.63 22.60
CA GLY A 1 26.91 28.48 23.83
C GLY A 1 25.97 29.65 23.63
N SER A 2 26.03 30.25 22.42
CA SER A 2 25.06 31.28 21.94
C SER A 2 24.35 30.77 20.64
N SER A 3 24.07 29.48 20.69
CA SER A 3 23.44 28.72 19.64
C SER A 3 22.02 28.32 20.12
N PHE A 4 21.25 27.57 19.33
CA PHE A 4 19.87 27.22 19.73
C PHE A 4 19.30 25.91 19.12
N VAL A 5 18.45 25.18 19.85
CA VAL A 5 17.66 24.12 19.16
C VAL A 5 16.16 24.14 19.31
N HIS A 6 15.50 24.02 18.16
CA HIS A 6 14.04 23.87 18.10
C HIS A 6 13.67 22.47 18.53
N LEU A 7 12.80 22.43 19.52
CA LEU A 7 12.37 21.19 20.06
C LEU A 7 10.95 21.00 19.71
N HIS A 8 10.14 22.03 19.70
CA HIS A 8 8.74 21.88 19.31
C HIS A 8 8.54 22.19 17.83
N ASN A 9 8.20 21.16 17.08
CA ASN A 9 8.25 21.21 15.60
C ASN A 9 7.31 20.30 14.85
N HIS A 10 6.65 20.81 13.82
CA HIS A 10 5.67 20.00 13.07
C HIS A 10 6.06 19.72 11.64
N THR A 11 6.25 18.42 11.41
CA THR A 11 6.52 17.80 10.14
C THR A 11 5.25 17.68 9.32
N GLU A 12 5.47 17.26 8.06
CA GLU A 12 4.42 16.98 7.11
C GLU A 12 3.49 15.83 7.59
N TYR A 13 3.98 15.02 8.57
CA TYR A 13 3.24 13.95 9.25
C TYR A 13 2.29 14.45 10.30
N SER A 14 2.33 15.75 10.57
CA SER A 14 1.19 16.47 11.20
C SER A 14 0.30 16.79 10.04
N MET A 15 -0.53 15.82 9.70
CA MET A 15 -1.17 15.80 8.41
C MET A 15 -2.14 16.93 8.23
N LEU A 16 -1.97 17.62 7.12
CA LEU A 16 -2.76 18.79 6.83
C LEU A 16 -2.48 19.91 7.81
N ASP A 17 -1.41 19.85 8.61
CA ASP A 17 -1.19 20.88 9.60
C ASP A 17 0.21 21.36 9.57
N GLY A 18 1.17 20.45 9.59
CA GLY A 18 2.56 20.85 9.51
C GLY A 18 2.96 20.89 8.05
N ALA A 19 3.72 21.88 7.63
CA ALA A 19 4.09 21.95 6.21
C ALA A 19 5.60 21.82 6.02
N ALA A 20 6.36 21.75 7.13
CA ALA A 20 7.80 21.37 7.12
C ALA A 20 8.09 19.95 6.66
N LYS A 21 8.48 19.76 5.41
CA LYS A 21 8.97 18.48 5.00
C LYS A 21 10.33 18.21 5.69
N ILE A 22 10.61 16.97 6.07
CA ILE A 22 11.85 16.62 6.80
C ILE A 22 13.15 16.97 6.04
N THR A 23 13.20 16.71 4.73
CA THR A 23 14.44 16.99 4.03
C THR A 23 14.89 18.49 4.02
N PRO A 24 13.99 19.39 3.62
CA PRO A 24 14.27 20.79 3.72
C PRO A 24 14.41 21.25 5.14
N MET A 25 13.71 20.62 6.09
CA MET A 25 13.89 21.03 7.46
C MET A 25 15.32 20.79 7.90
N LEU A 26 15.89 19.62 7.61
CA LEU A 26 17.27 19.36 7.95
C LEU A 26 18.29 20.30 7.27
N ALA A 27 18.08 20.55 5.98
CA ALA A 27 18.87 21.50 5.19
C ALA A 27 18.96 22.82 5.95
N GLU A 28 17.79 23.42 6.21
CA GLU A 28 17.69 24.67 6.95
C GLU A 28 18.37 24.59 8.32
N VAL A 29 18.04 23.57 9.11
CA VAL A 29 18.64 23.34 10.41
C VAL A 29 20.16 23.43 10.28
N GLU A 30 20.71 22.90 9.22
CA GLU A 30 22.14 22.94 9.05
C GLU A 30 22.76 24.24 8.63
N ARG A 31 22.12 25.00 7.76
CA ARG A 31 22.79 26.19 7.31
C ARG A 31 22.64 27.26 8.37
N LEU A 32 21.64 27.13 9.24
CA LEU A 32 21.58 27.93 10.48
C LEU A 32 22.61 27.46 11.54
N GLY A 33 23.43 26.48 11.12
CA GLY A 33 24.42 25.78 11.93
C GLY A 33 23.94 25.36 13.29
N MET A 34 22.91 24.53 13.36
CA MET A 34 22.33 24.15 14.65
C MET A 34 22.63 22.69 14.82
N PRO A 35 22.94 22.28 16.05
CA PRO A 35 23.47 20.93 16.25
C PRO A 35 22.41 19.80 16.24
N ALA A 36 21.13 20.17 16.41
CA ALA A 36 20.05 19.21 16.67
C ALA A 36 18.68 19.86 16.35
N VAL A 37 17.65 19.00 16.20
CA VAL A 37 16.26 19.43 15.93
C VAL A 37 15.29 18.35 16.47
N GLY A 38 14.10 18.83 16.75
CA GLY A 38 13.07 18.00 17.31
C GLY A 38 11.94 17.82 16.31
N MET A 39 11.14 16.81 16.62
CA MET A 39 10.04 16.32 15.87
C MET A 39 8.95 16.10 16.90
N THR A 40 7.89 16.89 16.74
CA THR A 40 6.79 16.94 17.70
C THR A 40 5.47 16.90 16.97
N ASP A 41 5.11 15.80 16.35
CA ASP A 41 3.94 15.85 15.48
C ASP A 41 2.61 15.69 16.26
N HIS A 42 1.53 16.20 15.70
CA HIS A 42 0.27 16.19 16.42
C HIS A 42 -0.25 14.78 16.49
N GLY A 43 -0.15 14.17 17.63
CA GLY A 43 -0.89 12.96 17.79
C GLY A 43 -0.32 11.70 17.19
N ASN A 44 0.86 11.71 16.62
CA ASN A 44 1.41 10.50 16.06
C ASN A 44 2.91 10.59 15.94
N MET A 45 3.55 9.43 15.70
CA MET A 45 5.00 9.41 15.47
C MET A 45 5.32 8.69 14.16
N PHE A 46 4.53 8.95 13.13
CA PHE A 46 4.67 8.30 11.85
C PHE A 46 5.98 8.70 11.17
N GLY A 47 6.44 9.93 11.36
CA GLY A 47 7.72 10.38 10.79
C GLY A 47 9.01 9.87 11.46
N ALA A 48 8.89 9.29 12.68
CA ALA A 48 10.08 8.94 13.45
C ALA A 48 11.14 8.18 12.66
N SER A 49 10.80 7.08 12.00
CA SER A 49 11.78 6.40 11.20
C SER A 49 12.44 7.31 10.16
N GLU A 50 11.63 7.94 9.30
CA GLU A 50 12.24 8.90 8.35
C GLU A 50 13.17 9.95 8.98
N PHE A 51 12.63 10.73 9.91
CA PHE A 51 13.36 11.71 10.70
C PHE A 51 14.69 11.15 11.26
N TYR A 52 14.63 10.09 12.06
CA TYR A 52 15.83 9.50 12.61
C TYR A 52 16.90 9.26 11.53
N ASN A 53 16.56 8.52 10.49
CA ASN A 53 17.51 8.14 9.46
C ASN A 53 18.03 9.36 8.74
N SER A 54 17.18 10.32 8.42
CA SER A 54 17.61 11.49 7.65
C SER A 54 18.54 12.39 8.47
N ALA A 55 18.12 12.66 9.72
CA ALA A 55 18.90 13.37 10.68
C ALA A 55 20.27 12.73 10.87
N THR A 56 20.28 11.43 11.16
CA THR A 56 21.52 10.70 11.41
C THR A 56 22.44 10.77 10.22
N LYS A 57 21.90 10.49 9.04
CA LYS A 57 22.66 10.52 7.83
C LYS A 57 23.24 11.92 7.61
N ALA A 58 22.66 12.97 8.18
CA ALA A 58 23.24 14.31 7.95
C ALA A 58 24.06 14.88 9.12
N GLY A 59 24.44 14.00 10.06
CA GLY A 59 24.98 14.32 11.38
C GLY A 59 24.33 15.51 12.07
N ILE A 60 23.00 15.56 12.08
CA ILE A 60 22.25 16.38 13.02
C ILE A 60 21.71 15.40 14.05
N LYS A 61 21.54 15.84 15.27
CA LYS A 61 21.07 14.97 16.30
C LYS A 61 19.54 15.09 16.29
N PRO A 62 18.87 13.94 16.17
CA PRO A 62 17.43 13.95 16.20
C PRO A 62 16.92 13.94 17.67
N ILE A 63 15.89 14.72 17.95
CA ILE A 63 15.22 14.69 19.23
C ILE A 63 13.86 14.22 18.81
N ILE A 64 13.37 13.10 19.33
CA ILE A 64 12.14 12.61 18.75
C ILE A 64 11.07 12.58 19.79
N GLY A 65 9.91 13.15 19.46
CA GLY A 65 8.85 13.19 20.42
C GLY A 65 7.51 13.22 19.75
N VAL A 66 6.59 13.94 20.35
CA VAL A 66 5.22 13.93 19.88
C VAL A 66 4.52 15.03 20.64
N GLU A 67 3.71 15.82 19.95
CA GLU A 67 2.73 16.63 20.63
C GLU A 67 1.45 15.86 20.84
N ALA A 68 1.38 15.17 21.97
CA ALA A 68 0.23 14.37 22.33
C ALA A 68 -1.05 15.18 22.41
N TYR A 69 -2.19 14.56 22.11
CA TYR A 69 -3.46 15.08 22.52
C TYR A 69 -3.85 14.44 23.85
N ILE A 70 -4.17 15.26 24.86
CA ILE A 70 -4.52 14.73 26.18
C ILE A 70 -5.97 14.99 26.46
N ALA A 71 -6.67 13.94 26.89
CA ALA A 71 -8.08 14.09 27.23
C ALA A 71 -8.31 14.99 28.45
N PRO A 72 -9.39 15.76 28.46
CA PRO A 72 -9.66 16.49 29.71
C PRO A 72 -10.00 15.57 30.89
N GLY A 73 -10.61 14.40 30.67
CA GLY A 73 -10.86 13.39 31.71
C GLY A 73 -10.08 12.09 31.44
N SER A 74 -10.75 10.94 31.55
CA SER A 74 -10.14 9.69 31.13
C SER A 74 -10.12 9.61 29.60
N ARG A 75 -9.07 9.06 29.04
CA ARG A 75 -9.03 8.88 27.61
C ARG A 75 -10.13 7.94 27.10
N PHE A 76 -10.63 7.10 27.96
CA PHE A 76 -11.75 6.29 27.57
C PHE A 76 -13.02 7.10 27.55
N ASP A 77 -13.03 8.29 28.18
CA ASP A 77 -14.26 9.08 28.30
C ASP A 77 -14.57 9.78 26.97
N THR A 78 -15.71 9.50 26.39
CA THR A 78 -15.91 10.17 25.11
C THR A 78 -16.89 11.32 25.17
N ARG A 79 -17.35 11.64 26.39
CA ARG A 79 -18.06 12.89 26.67
C ARG A 79 -17.15 14.05 26.41
N ARG A 80 -17.74 15.16 25.97
CA ARG A 80 -16.92 16.35 25.79
C ARG A 80 -16.97 17.18 27.09
N ILE A 81 -15.82 17.67 27.52
CA ILE A 81 -15.71 18.32 28.81
C ILE A 81 -15.12 19.71 28.72
N LEU A 82 -15.85 20.70 29.25
CA LEU A 82 -15.34 22.07 29.23
C LEU A 82 -15.12 22.63 30.59
N TRP A 83 -14.10 23.44 30.67
CA TRP A 83 -13.64 23.94 31.92
C TRP A 83 -14.14 25.35 32.22
N GLY A 84 -14.46 26.15 31.23
CA GLY A 84 -14.97 27.49 31.52
C GLY A 84 -16.42 27.67 31.14
N ASP A 85 -16.79 28.92 30.90
CA ASP A 85 -18.15 29.30 30.48
C ASP A 85 -18.28 29.35 29.00
N PRO A 86 -19.52 29.23 28.50
CA PRO A 86 -19.63 29.33 27.04
C PRO A 86 -19.01 30.62 26.48
N SER A 87 -19.08 31.74 27.23
CA SER A 87 -18.56 33.01 26.80
C SER A 87 -17.07 32.90 26.54
N GLN A 88 -16.46 31.80 27.00
CA GLN A 88 -15.01 31.56 26.82
C GLN A 88 -14.64 30.39 25.92
N LYS A 89 -15.58 29.92 25.08
CA LYS A 89 -15.30 28.82 24.14
C LYS A 89 -13.94 28.92 23.49
N ALA A 90 -13.52 30.11 23.10
CA ALA A 90 -12.31 30.26 22.32
C ALA A 90 -11.01 30.03 23.12
N ASP A 91 -11.13 30.03 24.46
CA ASP A 91 -10.02 29.85 25.37
C ASP A 91 -10.01 28.49 26.06
N ASP A 92 -11.05 27.69 25.83
CA ASP A 92 -11.34 26.53 26.62
C ASP A 92 -10.70 25.31 25.97
N VAL A 93 -11.03 24.12 26.50
CA VAL A 93 -10.44 22.84 26.07
C VAL A 93 -10.66 22.78 24.56
N SER A 94 -9.57 22.60 23.83
CA SER A 94 -9.60 22.40 22.38
C SER A 94 -10.47 21.25 21.98
N GLY A 95 -10.80 21.25 20.69
CA GLY A 95 -11.66 20.22 20.12
C GLY A 95 -13.01 20.23 20.79
N SER A 96 -13.42 21.38 21.34
CA SER A 96 -14.73 21.51 21.98
C SER A 96 -14.86 20.57 23.14
N GLY A 97 -13.81 20.48 23.95
CA GLY A 97 -13.87 19.63 25.11
C GLY A 97 -13.37 18.22 24.84
N SER A 98 -12.37 18.10 23.95
CA SER A 98 -11.83 16.81 23.56
C SER A 98 -10.42 16.69 23.94
N TYR A 99 -9.64 17.77 23.92
CA TYR A 99 -8.25 17.53 24.22
C TYR A 99 -7.48 18.79 24.49
N THR A 100 -6.23 18.63 24.97
CA THR A 100 -5.25 19.70 25.09
C THR A 100 -4.00 19.16 24.46
N HIS A 101 -3.06 20.05 24.09
CA HIS A 101 -1.72 19.63 23.65
C HIS A 101 -0.74 19.36 24.76
N LEU A 102 0.27 18.53 24.50
CA LEU A 102 1.36 18.31 25.41
C LEU A 102 2.60 17.96 24.62
N THR A 103 3.66 18.72 24.82
CA THR A 103 4.91 18.53 24.07
C THR A 103 5.71 17.48 24.82
N MET A 104 6.02 16.35 24.19
CA MET A 104 6.77 15.26 24.83
C MET A 104 7.98 14.90 24.00
N MET A 105 9.11 14.61 24.64
CA MET A 105 10.34 14.24 23.92
C MET A 105 11.05 13.07 24.62
N ALA A 106 11.83 12.32 23.86
CA ALA A 106 12.54 11.18 24.41
C ALA A 106 14.01 11.52 24.75
N GLU A 107 14.42 11.39 26.01
CA GLU A 107 15.80 11.69 26.38
C GLU A 107 16.78 10.59 25.96
N ASN A 108 16.27 9.37 25.85
CA ASN A 108 17.03 8.17 25.48
C ASN A 108 16.11 7.11 24.79
N ALA A 109 16.70 5.99 24.32
CA ALA A 109 15.92 4.91 23.74
C ALA A 109 14.79 4.34 24.61
N THR A 110 14.95 4.24 25.93
CA THR A 110 13.77 3.85 26.71
C THR A 110 12.55 4.79 26.54
N GLY A 111 12.80 6.10 26.68
CA GLY A 111 11.75 7.06 26.46
C GLY A 111 11.15 7.00 25.05
N LEU A 112 11.96 6.74 24.06
CA LEU A 112 11.46 6.65 22.72
C LEU A 112 10.46 5.50 22.61
N ARG A 113 10.89 4.32 23.05
CA ARG A 113 10.03 3.17 23.06
C ARG A 113 8.74 3.41 23.81
N ASN A 114 8.83 4.21 24.86
CA ASN A 114 7.68 4.51 25.69
C ASN A 114 6.71 5.47 25.01
N LEU A 115 7.30 6.44 24.34
CA LEU A 115 6.52 7.32 23.49
C LEU A 115 5.81 6.57 22.37
N PHE A 116 6.47 5.53 21.81
CA PHE A 116 5.90 4.74 20.72
C PHE A 116 4.63 4.13 21.23
N LYS A 117 4.70 3.50 22.41
CA LYS A 117 3.51 2.80 22.84
C LYS A 117 2.51 3.65 23.50
N LEU A 118 2.94 4.76 24.08
CA LEU A 118 1.99 5.76 24.51
C LEU A 118 1.19 6.22 23.32
N SER A 119 1.84 6.56 22.20
CA SER A 119 1.10 6.82 20.95
C SER A 119 0.16 5.72 20.60
N SER A 120 0.69 4.48 20.61
CA SER A 120 -0.13 3.36 20.18
C SER A 120 -1.37 3.23 21.04
N HIS A 121 -1.18 3.34 22.35
CA HIS A 121 -2.29 3.19 23.23
C HIS A 121 -3.28 4.32 23.12
N ALA A 122 -2.79 5.52 22.85
CA ALA A 122 -3.68 6.64 22.50
C ALA A 122 -4.74 6.30 21.43
N SER A 123 -4.29 5.59 20.38
CA SER A 123 -5.16 5.24 19.30
C SER A 123 -5.97 4.06 19.65
N PHE A 124 -5.37 3.09 20.30
CA PHE A 124 -6.12 1.88 20.60
C PHE A 124 -7.27 2.17 21.53
N GLU A 125 -7.06 3.08 22.49
CA GLU A 125 -7.96 3.24 23.62
C GLU A 125 -8.54 4.62 23.75
N GLY A 126 -7.81 5.67 23.37
CA GLY A 126 -8.21 7.01 23.78
C GLY A 126 -8.73 7.90 22.67
N GLN A 127 -9.41 7.31 21.70
CA GLN A 127 -9.77 8.01 20.49
C GLN A 127 -11.07 8.73 20.64
N LEU A 128 -11.11 9.99 20.30
CA LEU A 128 -12.38 10.71 20.20
C LEU A 128 -12.29 11.36 18.86
N SER A 129 -13.30 11.08 18.02
CA SER A 129 -13.35 11.63 16.70
C SER A 129 -11.96 11.43 16.05
N LYS A 130 -11.33 12.45 15.51
CA LYS A 130 -10.06 12.20 14.84
C LYS A 130 -8.87 12.28 15.72
N TRP A 131 -9.05 12.45 17.03
CA TRP A 131 -7.90 12.60 17.89
C TRP A 131 -7.60 11.38 18.73
N SER A 132 -6.33 10.97 18.69
CA SER A 132 -5.84 9.88 19.55
C SER A 132 -5.31 10.48 20.81
N ARG A 133 -5.92 10.13 21.94
CA ARG A 133 -5.57 10.80 23.14
C ARG A 133 -4.93 9.96 24.24
N MET A 134 -3.93 10.53 24.91
CA MET A 134 -3.42 9.99 26.14
C MET A 134 -4.19 10.64 27.32
N ASP A 135 -3.93 10.17 28.53
CA ASP A 135 -4.36 10.88 29.72
C ASP A 135 -3.23 10.77 30.73
N ALA A 136 -3.37 11.40 31.90
CA ALA A 136 -2.27 11.46 32.88
C ALA A 136 -1.96 10.08 33.46
N GLU A 137 -2.98 9.30 33.70
CA GLU A 137 -2.83 7.96 34.19
C GLU A 137 -1.99 7.06 33.30
N LEU A 138 -2.26 7.08 32.01
CA LEU A 138 -1.52 6.29 31.03
C LEU A 138 -0.11 6.78 30.90
N ILE A 139 0.09 8.10 30.87
CA ILE A 139 1.44 8.61 30.70
C ILE A 139 2.33 8.28 31.91
N ALA A 140 1.72 8.30 33.09
CA ALA A 140 2.43 7.95 34.29
C ALA A 140 2.95 6.51 34.24
N GLU A 141 2.18 5.57 33.67
CA GLU A 141 2.61 4.18 33.59
C GLU A 141 3.84 4.10 32.70
N HIS A 142 4.07 5.03 31.78
CA HIS A 142 5.16 4.82 30.82
C HIS A 142 6.09 5.99 30.76
N ALA A 143 6.27 6.65 31.89
CA ALA A 143 6.95 7.96 31.92
C ALA A 143 8.48 7.93 31.77
N GLU A 144 9.07 6.75 32.00
CA GLU A 144 10.51 6.68 32.05
C GLU A 144 11.13 7.15 30.74
N GLY A 145 11.99 8.16 30.84
CA GLY A 145 12.89 8.47 29.73
C GLY A 145 12.38 9.60 28.87
N ILE A 146 11.24 10.13 29.29
CA ILE A 146 10.52 11.16 28.59
C ILE A 146 10.74 12.53 29.23
N ILE A 147 10.78 13.58 28.42
CA ILE A 147 10.75 14.94 28.92
C ILE A 147 9.44 15.56 28.41
N ILE A 148 8.62 16.11 29.29
CA ILE A 148 7.46 16.91 28.86
C ILE A 148 7.58 18.40 29.26
N THR A 149 6.64 19.23 28.83
CA THR A 149 6.60 20.62 29.19
C THR A 149 5.17 21.07 29.59
N THR A 150 5.08 22.35 29.88
CA THR A 150 3.83 22.97 30.33
C THR A 150 2.91 23.23 29.13
N GLY A 151 3.54 23.21 27.94
CA GLY A 151 2.82 23.23 26.70
C GLY A 151 2.63 24.56 26.02
N CYS A 152 2.20 24.48 24.76
CA CYS A 152 1.76 25.55 23.88
C CYS A 152 0.47 26.18 24.44
N PRO A 153 -0.06 27.22 23.77
CA PRO A 153 -1.32 27.74 24.27
C PRO A 153 -2.44 26.74 24.30
N SER A 154 -2.52 25.78 23.40
CA SER A 154 -3.59 24.80 23.52
C SER A 154 -3.30 23.75 24.58
N GLY A 155 -2.18 23.90 25.30
CA GLY A 155 -1.93 23.10 26.50
C GLY A 155 -2.88 23.38 27.69
N GLU A 156 -2.83 22.49 28.71
CA GLU A 156 -3.70 22.55 29.90
C GLU A 156 -3.41 23.79 30.79
N VAL A 157 -2.11 23.97 31.08
CA VAL A 157 -1.64 25.02 31.97
C VAL A 157 -2.09 26.40 31.45
N GLN A 158 -1.84 26.65 30.16
CA GLN A 158 -2.24 27.94 29.62
C GLN A 158 -3.76 28.09 29.50
N THR A 159 -4.44 27.02 29.13
CA THR A 159 -5.86 27.08 28.98
C THR A 159 -6.44 27.52 30.33
N ARG A 160 -5.87 26.95 31.40
CA ARG A 160 -6.30 27.27 32.75
C ARG A 160 -6.07 28.78 32.99
N LEU A 161 -4.83 29.20 32.83
CA LEU A 161 -4.52 30.63 32.90
C LEU A 161 -5.53 31.48 32.15
N ARG A 162 -5.64 31.26 30.85
CA ARG A 162 -6.60 32.05 30.06
C ARG A 162 -8.00 32.08 30.61
N LEU A 163 -8.36 31.01 31.29
CA LEU A 163 -9.72 30.86 31.76
C LEU A 163 -9.98 31.60 33.04
N GLY A 164 -8.91 32.08 33.66
CA GLY A 164 -8.97 32.70 34.95
C GLY A 164 -8.64 31.72 36.05
N GLN A 165 -8.37 30.45 35.75
CA GLN A 165 -8.25 29.47 36.86
C GLN A 165 -6.82 29.22 37.33
N ASP A 166 -6.27 30.22 38.01
CA ASP A 166 -4.86 30.23 38.44
C ASP A 166 -4.52 29.08 39.39
N ARG A 167 -5.43 28.74 40.30
CA ARG A 167 -5.21 27.65 41.21
C ARG A 167 -5.02 26.34 40.38
N GLU A 168 -6.01 26.07 39.52
CA GLU A 168 -6.00 24.92 38.61
C GLU A 168 -4.78 24.83 37.72
N ALA A 169 -4.35 25.95 37.17
CA ALA A 169 -3.13 25.98 36.36
C ALA A 169 -1.94 25.52 37.17
N LEU A 170 -1.83 26.03 38.39
CA LEU A 170 -0.68 25.73 39.18
C LEU A 170 -0.75 24.27 39.57
N GLU A 171 -1.97 23.82 39.81
CA GLU A 171 -2.17 22.44 40.22
C GLU A 171 -1.89 21.46 39.10
N ALA A 172 -2.31 21.82 37.88
CA ALA A 172 -2.02 21.02 36.70
C ALA A 172 -0.51 20.83 36.59
N ALA A 173 0.24 21.94 36.69
CA ALA A 173 1.68 22.00 36.45
C ALA A 173 2.44 21.11 37.41
N ALA A 174 1.94 21.08 38.65
CA ALA A 174 2.51 20.25 39.69
C ALA A 174 2.23 18.74 39.44
N LYS A 175 0.99 18.43 39.01
CA LYS A 175 0.64 17.07 38.61
C LYS A 175 1.58 16.50 37.51
N TRP A 176 1.75 17.25 36.43
CA TRP A 176 2.62 16.86 35.35
C TRP A 176 4.05 16.75 35.80
N ARG A 177 4.49 17.74 36.56
CA ARG A 177 5.86 17.75 37.06
C ARG A 177 6.14 16.55 37.96
N GLU A 178 5.13 16.10 38.70
CA GLU A 178 5.30 15.03 39.61
C GLU A 178 5.52 13.72 38.83
N ILE A 179 4.72 13.56 37.74
CA ILE A 179 4.67 12.39 36.89
C ILE A 179 6.01 12.17 36.15
N VAL A 180 6.59 13.19 35.54
CA VAL A 180 7.83 12.93 34.80
C VAL A 180 9.04 13.10 35.64
N GLY A 181 8.93 13.96 36.66
CA GLY A 181 10.01 14.22 37.63
C GLY A 181 10.63 15.59 37.50
N PRO A 182 11.14 16.16 38.62
CA PRO A 182 11.63 17.54 38.63
C PRO A 182 12.57 17.79 37.49
N ASP A 183 13.38 16.84 37.10
CA ASP A 183 14.34 17.11 36.04
C ASP A 183 13.92 16.94 34.61
N ASN A 184 12.65 16.75 34.37
CA ASN A 184 12.20 16.48 33.00
C ASN A 184 10.96 17.25 32.67
N TYR A 185 10.74 18.34 33.40
CA TYR A 185 9.65 19.26 33.20
C TYR A 185 10.19 20.66 32.93
N PHE A 186 9.68 21.28 31.88
CA PHE A 186 10.05 22.64 31.48
C PHE A 186 8.88 23.55 31.23
N LEU A 187 9.15 24.84 31.49
CA LEU A 187 8.16 25.84 31.34
C LEU A 187 8.29 26.29 29.89
N GLU A 188 7.29 25.98 29.08
CA GLU A 188 7.40 26.22 27.66
C GLU A 188 6.99 27.65 27.31
N LEU A 189 7.90 28.34 26.66
CA LEU A 189 7.67 29.71 26.29
C LEU A 189 7.79 29.94 24.79
N MET A 190 6.84 30.68 24.26
CA MET A 190 6.62 30.75 22.85
C MET A 190 6.23 32.19 22.58
N ASP A 191 6.94 32.84 21.65
CA ASP A 191 6.39 34.16 21.29
C ASP A 191 6.23 34.48 19.78
N HIS A 192 4.98 34.61 19.33
CA HIS A 192 4.70 35.04 17.96
C HIS A 192 3.98 36.41 17.97
N GLY A 193 4.36 37.20 18.98
CA GLY A 193 3.59 38.35 19.42
C GLY A 193 2.07 38.29 19.34
N LEU A 194 1.42 37.26 19.87
CA LEU A 194 -0.03 37.24 19.83
C LEU A 194 -0.53 37.61 21.19
N THR A 195 -1.72 38.20 21.27
CA THR A 195 -2.15 38.60 22.61
C THR A 195 -2.54 37.41 23.52
N ILE A 196 -2.72 36.24 22.91
CA ILE A 196 -3.05 35.02 23.63
C ILE A 196 -1.83 34.57 24.43
N GLU A 197 -0.64 34.83 23.93
CA GLU A 197 0.57 34.34 24.54
C GLU A 197 0.99 35.33 25.59
N ARG A 198 0.76 36.64 25.34
CA ARG A 198 1.15 37.68 26.30
C ARG A 198 0.33 37.59 27.55
N ARG A 199 -1.00 37.48 27.41
CA ARG A 199 -1.89 37.32 28.57
C ARG A 199 -1.36 36.36 29.61
N VAL A 200 -0.73 35.28 29.20
CA VAL A 200 -0.50 34.17 30.06
C VAL A 200 0.93 34.28 30.57
N ARG A 201 1.75 35.10 29.93
CA ARG A 201 3.20 35.08 30.24
C ARG A 201 3.56 35.29 31.72
N ASP A 202 2.82 36.18 32.39
CA ASP A 202 3.13 36.45 33.79
C ASP A 202 2.73 35.33 34.68
N GLY A 203 1.44 34.96 34.64
CA GLY A 203 0.93 33.75 35.36
C GLY A 203 1.88 32.54 35.21
N LEU A 204 2.44 32.43 34.02
CA LEU A 204 3.27 31.35 33.60
C LEU A 204 4.60 31.35 34.29
N LEU A 205 5.32 32.48 34.24
CA LEU A 205 6.59 32.60 34.98
C LEU A 205 6.35 32.53 36.50
N GLU A 206 5.20 33.00 36.99
CA GLU A 206 4.85 32.76 38.39
C GLU A 206 4.93 31.27 38.73
N ILE A 207 4.18 30.45 38.01
CA ILE A 207 4.22 29.00 38.12
C ILE A 207 5.67 28.45 38.05
N GLY A 208 6.47 28.92 37.10
CA GLY A 208 7.86 28.48 36.98
C GLY A 208 8.62 28.70 38.27
N ARG A 209 8.51 29.93 38.81
CA ARG A 209 9.15 30.36 40.09
C ARG A 209 8.60 29.49 41.20
N ALA A 210 7.29 29.44 41.37
CA ALA A 210 6.64 28.69 42.48
C ALA A 210 7.07 27.23 42.59
N LEU A 211 7.06 26.53 41.47
CA LEU A 211 7.24 25.09 41.45
C LEU A 211 8.63 24.71 41.05
N ASN A 212 9.44 25.71 40.67
CA ASN A 212 10.84 25.52 40.40
C ASN A 212 11.12 24.75 39.10
N ILE A 213 10.51 25.26 38.03
CA ILE A 213 10.57 24.67 36.70
C ILE A 213 11.42 25.55 35.77
N PRO A 214 12.53 24.99 35.19
CA PRO A 214 13.35 25.82 34.25
C PRO A 214 12.55 26.35 33.05
N PRO A 215 12.90 27.51 32.53
CA PRO A 215 12.19 27.94 31.30
C PRO A 215 12.78 27.28 30.02
N LEU A 216 11.93 27.16 29.00
CA LEU A 216 12.29 26.63 27.68
C LEU A 216 11.61 27.42 26.55
N ALA A 217 12.43 28.00 25.68
CA ALA A 217 11.95 28.73 24.54
C ALA A 217 11.79 27.73 23.39
N THR A 218 10.66 27.82 22.69
CA THR A 218 10.40 27.01 21.51
C THR A 218 9.56 27.85 20.56
N ASN A 219 9.41 27.38 19.33
CA ASN A 219 8.71 28.11 18.32
C ASN A 219 7.50 27.44 17.69
N ASP A 220 7.29 26.12 17.94
CA ASP A 220 6.07 25.46 17.41
C ASP A 220 6.06 25.62 15.85
N CYS A 221 7.19 25.35 15.24
CA CYS A 221 7.34 25.54 13.82
C CYS A 221 6.38 24.64 13.08
N HIS A 222 5.58 25.23 12.20
CA HIS A 222 4.73 24.50 11.29
C HIS A 222 5.24 24.58 9.82
N TYR A 223 6.35 25.27 9.57
CA TYR A 223 6.97 25.39 8.20
C TYR A 223 8.43 25.75 8.31
N VAL A 224 9.21 25.59 7.25
CA VAL A 224 10.66 25.61 7.40
C VAL A 224 11.22 27.01 7.46
N THR A 225 10.79 27.79 6.46
CA THR A 225 11.18 29.15 6.13
C THR A 225 10.08 30.18 6.30
N ARG A 226 10.39 31.45 6.16
CA ARG A 226 9.42 32.46 6.42
C ARG A 226 8.51 32.66 5.20
N ASP A 227 9.04 32.43 4.02
CA ASP A 227 8.22 32.55 2.82
C ASP A 227 7.25 31.42 2.73
N ALA A 228 7.58 30.30 3.35
CA ALA A 228 6.69 29.16 3.34
C ALA A 228 5.34 29.41 4.02
N ALA A 229 5.23 30.48 4.82
CA ALA A 229 4.02 30.77 5.58
C ALA A 229 2.73 30.80 4.76
N HIS A 230 2.78 31.31 3.53
CA HIS A 230 1.57 31.40 2.76
C HIS A 230 1.01 30.03 2.34
N ASN A 231 1.92 29.15 1.95
CA ASN A 231 1.59 27.75 1.66
C ASN A 231 0.93 27.07 2.84
N HIS A 232 1.48 27.33 4.04
CA HIS A 232 0.96 26.83 5.29
C HIS A 232 -0.48 27.25 5.44
N GLU A 233 -0.75 28.50 5.08
CA GLU A 233 -2.10 29.00 5.22
C GLU A 233 -3.10 28.28 4.29
N ALA A 234 -2.66 27.97 3.06
CA ALA A 234 -3.47 27.23 2.08
C ALA A 234 -3.66 25.82 2.58
N LEU A 235 -2.64 25.24 3.22
CA LEU A 235 -2.74 23.88 3.69
C LEU A 235 -3.82 23.79 4.72
N LEU A 236 -3.87 24.78 5.62
CA LEU A 236 -4.89 24.75 6.66
C LEU A 236 -6.27 24.81 6.06
N CYS A 237 -6.37 25.30 4.84
CA CYS A 237 -7.67 25.43 4.21
C CYS A 237 -8.08 24.15 3.66
N VAL A 238 -7.12 23.37 3.16
CA VAL A 238 -7.46 22.04 2.71
C VAL A 238 -8.01 21.29 3.93
N GLN A 239 -7.34 21.43 5.08
CA GLN A 239 -7.78 20.80 6.34
C GLN A 239 -9.12 21.24 6.82
N THR A 240 -9.49 22.50 6.60
CA THR A 240 -10.74 23.03 7.15
C THR A 240 -11.90 22.97 6.16
N GLY A 241 -11.58 22.85 4.88
CA GLY A 241 -12.60 22.98 3.82
C GLY A 241 -13.15 24.39 3.68
N LYS A 242 -12.30 25.38 3.88
CA LYS A 242 -12.72 26.77 3.86
C LYS A 242 -11.99 27.61 2.83
N THR A 243 -12.52 28.81 2.58
CA THR A 243 -12.01 29.70 1.56
C THR A 243 -10.91 30.57 2.14
N LEU A 244 -9.98 30.97 1.28
CA LEU A 244 -8.94 31.89 1.64
C LEU A 244 -9.51 33.26 1.99
N SER A 245 -10.44 33.76 1.16
CA SER A 245 -11.28 34.95 1.40
C SER A 245 -12.02 34.93 2.70
N ASP A 246 -12.65 33.79 2.96
CA ASP A 246 -13.41 33.59 4.17
C ASP A 246 -12.62 33.89 5.50
N PRO A 247 -12.85 35.06 6.11
CA PRO A 247 -11.99 35.48 7.24
C PRO A 247 -12.16 34.67 8.53
N ASN A 248 -13.20 33.85 8.57
CA ASN A 248 -13.64 33.26 9.82
C ASN A 248 -12.93 31.95 10.11
N ARG A 249 -12.22 31.44 9.11
CA ARG A 249 -11.50 30.14 9.17
C ARG A 249 -10.32 30.09 10.16
N PHE A 250 -9.90 28.87 10.42
CA PHE A 250 -8.73 28.57 11.24
C PHE A 250 -7.44 28.86 10.48
N LYS A 251 -6.64 29.76 11.06
CA LYS A 251 -5.38 30.22 10.46
C LYS A 251 -4.51 30.69 11.58
N PHE A 252 -3.23 30.88 11.28
CA PHE A 252 -2.28 31.38 12.25
C PHE A 252 -2.14 32.91 12.13
N ASP A 253 -1.38 33.51 13.01
CA ASP A 253 -1.22 34.94 13.00
C ASP A 253 0.14 35.32 12.46
N GLY A 254 0.15 35.97 11.32
CA GLY A 254 1.40 36.39 10.68
C GLY A 254 2.26 35.19 10.42
N ASP A 255 3.54 35.38 10.31
CA ASP A 255 4.34 34.37 9.68
C ASP A 255 5.50 33.90 10.58
N GLY A 256 5.25 33.84 11.87
CA GLY A 256 6.37 33.57 12.76
C GLY A 256 6.74 32.12 12.99
N TYR A 257 6.02 31.21 12.33
CA TYR A 257 6.06 29.83 12.71
C TYR A 257 7.09 29.03 11.91
N TYR A 258 8.19 29.69 11.52
CA TYR A 258 9.26 29.01 10.80
C TYR A 258 10.38 28.71 11.77
N LEU A 259 11.42 28.10 11.24
CA LEU A 259 12.60 27.72 11.97
C LEU A 259 13.51 28.94 12.04
N LYS A 260 13.33 29.73 13.09
CA LYS A 260 14.08 30.97 13.35
C LYS A 260 15.52 30.69 13.74
N SER A 261 16.43 31.60 13.38
CA SER A 261 17.88 31.40 13.63
C SER A 261 18.13 31.62 15.08
N ALA A 262 19.12 30.90 15.61
CA ALA A 262 19.62 31.13 16.97
C ALA A 262 19.54 32.62 17.36
N ALA A 263 20.22 33.48 16.57
CA ALA A 263 20.11 34.94 16.63
C ALA A 263 18.69 35.49 16.92
N GLU A 264 17.75 35.24 16.01
CA GLU A 264 16.39 35.83 16.09
C GLU A 264 15.72 35.35 17.35
N MET A 265 16.08 34.13 17.71
CA MET A 265 15.41 33.40 18.77
C MET A 265 15.94 33.93 20.10
N ARG A 266 17.27 34.12 20.17
CA ARG A 266 17.96 34.67 21.36
C ARG A 266 17.52 36.13 21.51
N GLN A 267 17.41 36.84 20.40
CA GLN A 267 16.88 38.18 20.44
C GLN A 267 15.51 38.30 21.13
N ILE A 268 14.73 37.23 21.22
CA ILE A 268 13.34 37.36 21.70
C ILE A 268 13.34 37.06 23.19
N TRP A 269 14.31 36.25 23.62
CA TRP A 269 14.23 35.60 24.95
C TRP A 269 15.34 35.88 25.94
N ASP A 270 16.55 36.09 25.44
CA ASP A 270 17.68 36.32 26.31
C ASP A 270 17.51 37.44 27.30
N ASP A 271 16.98 38.57 26.82
CA ASP A 271 16.73 39.73 27.66
C ASP A 271 15.45 39.66 28.41
N GLU A 272 14.52 38.92 27.88
CA GLU A 272 13.21 38.86 28.46
C GLU A 272 13.13 37.79 29.55
N VAL A 273 13.66 36.59 29.27
CA VAL A 273 13.59 35.44 30.20
C VAL A 273 14.94 34.73 30.13
N PRO A 274 15.89 35.17 30.93
CA PRO A 274 17.21 34.54 30.90
C PRO A 274 17.08 33.03 31.04
N GLY A 275 17.98 32.31 30.37
CA GLY A 275 18.01 30.84 30.40
C GLY A 275 17.17 30.03 29.41
N ALA A 276 16.06 30.59 28.91
CA ALA A 276 15.13 29.91 28.03
C ALA A 276 15.83 29.21 26.85
N CYS A 277 16.53 29.97 26.01
CA CYS A 277 17.32 29.40 24.93
C CYS A 277 18.42 28.43 25.37
N ASP A 278 19.01 28.67 26.51
CA ASP A 278 20.10 27.78 26.91
C ASP A 278 19.53 26.41 27.27
N SER A 279 18.29 26.39 27.72
CA SER A 279 17.73 25.13 28.18
C SER A 279 17.59 24.20 27.00
N THR A 280 17.37 24.78 25.81
CA THR A 280 17.23 24.00 24.60
C THR A 280 18.50 23.22 24.40
N LEU A 281 19.63 23.87 24.66
CA LEU A 281 20.91 23.22 24.48
C LEU A 281 21.21 22.22 25.59
N LEU A 282 20.70 22.50 26.79
CA LEU A 282 20.90 21.55 27.89
C LEU A 282 20.25 20.25 27.55
N ILE A 283 19.00 20.37 27.05
CA ILE A 283 18.14 19.25 26.61
C ILE A 283 18.83 18.53 25.45
N ALA A 284 19.23 19.26 24.43
CA ALA A 284 19.88 18.64 23.28
C ALA A 284 21.09 17.82 23.69
N GLU A 285 21.90 18.37 24.57
CA GLU A 285 23.09 17.66 24.95
C GLU A 285 22.74 16.46 25.87
N ARG A 286 21.72 16.58 26.70
CA ARG A 286 21.18 15.47 27.48
C ARG A 286 20.70 14.24 26.68
N VAL A 287 20.16 14.50 25.48
CA VAL A 287 19.51 13.49 24.64
C VAL A 287 20.52 12.47 24.08
N GLN A 288 20.22 11.19 24.27
CA GLN A 288 21.00 10.07 23.79
C GLN A 288 20.80 9.62 22.33
N SER A 289 21.61 8.63 21.93
CA SER A 289 21.47 7.99 20.64
C SER A 289 20.27 7.09 20.66
N TYR A 290 19.43 7.22 19.65
CA TYR A 290 18.26 6.38 19.60
C TYR A 290 18.55 5.06 18.91
N ALA A 291 19.81 4.79 18.63
CA ALA A 291 20.14 3.78 17.65
C ALA A 291 19.75 2.34 18.06
N ASP A 292 19.55 2.09 19.35
CA ASP A 292 19.20 0.75 19.75
C ASP A 292 17.78 0.39 19.23
N VAL A 293 17.05 1.39 18.82
CA VAL A 293 15.66 1.23 18.42
C VAL A 293 15.62 0.84 16.95
N TRP A 294 16.60 1.32 16.17
CA TRP A 294 16.65 1.03 14.72
C TRP A 294 17.64 -0.07 14.37
N THR A 295 18.13 -0.76 15.39
CA THR A 295 19.10 -1.85 15.20
C THR A 295 18.28 -3.02 14.78
N PRO A 296 18.67 -3.70 13.69
CA PRO A 296 17.83 -4.81 13.22
C PRO A 296 17.86 -5.98 14.16
N ARG A 297 16.69 -6.55 14.46
CA ARG A 297 16.57 -7.72 15.33
C ARG A 297 15.76 -8.75 14.55
N ASP A 298 16.03 -10.04 14.75
CA ASP A 298 15.27 -11.05 14.02
C ASP A 298 13.95 -11.24 14.73
N ARG A 299 12.92 -10.63 14.16
CA ARG A 299 11.65 -10.60 14.79
C ARG A 299 10.67 -11.47 14.00
N MET A 300 11.15 -12.46 13.28
CA MET A 300 10.26 -13.35 12.54
C MET A 300 9.55 -14.37 13.43
N PRO A 301 8.22 -14.46 13.35
CA PRO A 301 7.50 -15.49 14.08
C PRO A 301 8.14 -16.88 14.02
N VAL A 302 8.00 -17.64 15.10
CA VAL A 302 8.54 -18.98 15.19
C VAL A 302 7.37 -19.93 15.05
N PHE A 303 7.32 -20.67 13.95
CA PHE A 303 6.20 -21.53 13.70
C PHE A 303 6.13 -22.56 14.83
N PRO A 304 4.95 -22.74 15.48
CA PRO A 304 5.02 -23.69 16.59
C PRO A 304 4.90 -25.12 16.00
N VAL A 305 5.86 -25.96 16.35
CA VAL A 305 6.00 -27.30 15.72
C VAL A 305 5.64 -28.32 16.74
N PRO A 306 5.38 -29.58 16.34
CA PRO A 306 5.04 -30.53 17.40
C PRO A 306 6.22 -30.70 18.36
N ASP A 307 5.98 -31.40 19.47
CA ASP A 307 7.01 -31.53 20.48
C ASP A 307 8.10 -32.49 20.02
N GLY A 308 9.35 -32.10 20.14
CA GLY A 308 10.48 -32.92 19.72
C GLY A 308 10.99 -32.64 18.31
N HIS A 309 10.28 -31.81 17.59
CA HIS A 309 10.80 -31.23 16.39
C HIS A 309 11.41 -29.87 16.63
N ASP A 310 12.21 -29.41 15.69
CA ASP A 310 12.52 -28.00 15.52
C ASP A 310 12.01 -27.52 14.13
N GLN A 311 12.33 -26.30 13.76
CA GLN A 311 11.77 -25.73 12.55
C GLN A 311 12.26 -26.52 11.38
N ALA A 312 13.55 -26.85 11.42
CA ALA A 312 14.18 -27.63 10.34
C ALA A 312 13.62 -29.06 10.16
N SER A 313 13.44 -29.81 11.25
CA SER A 313 12.77 -31.12 11.22
C SER A 313 11.40 -31.08 10.59
N TRP A 314 10.61 -30.14 11.11
CA TRP A 314 9.23 -30.00 10.72
C TRP A 314 9.09 -29.61 9.22
N LEU A 315 9.96 -28.72 8.77
CA LEU A 315 10.01 -28.42 7.37
C LEU A 315 10.26 -29.68 6.53
N ARG A 316 11.30 -30.48 6.88
CA ARG A 316 11.57 -31.77 6.18
C ARG A 316 10.30 -32.62 6.22
N HIS A 317 9.77 -32.82 7.43
CA HIS A 317 8.58 -33.62 7.55
C HIS A 317 7.46 -33.16 6.61
N GLU A 318 7.27 -31.85 6.53
CA GLU A 318 6.16 -31.25 5.78
C GLU A 318 6.39 -31.28 4.30
N VAL A 319 7.65 -31.04 3.90
CA VAL A 319 8.05 -31.14 2.51
C VAL A 319 7.89 -32.57 2.02
N ASP A 320 8.18 -33.55 2.89
CA ASP A 320 8.03 -34.96 2.55
C ASP A 320 6.60 -35.24 2.30
N ALA A 321 5.79 -35.06 3.35
CA ALA A 321 4.34 -35.17 3.23
C ALA A 321 3.85 -34.57 1.91
N GLY A 322 4.44 -33.42 1.58
CA GLY A 322 4.06 -32.60 0.45
C GLY A 322 4.24 -33.35 -0.84
N LEU A 323 5.48 -33.75 -1.09
CA LEU A 323 5.83 -34.60 -2.22
C LEU A 323 4.93 -35.83 -2.33
N ARG A 324 4.67 -36.52 -1.18
CA ARG A 324 3.77 -37.66 -1.15
C ARG A 324 2.43 -37.29 -1.78
N ARG A 325 1.76 -36.23 -1.28
CA ARG A 325 0.48 -35.73 -1.85
C ARG A 325 0.56 -35.41 -3.34
N ARG A 326 1.56 -34.64 -3.69
CA ARG A 326 1.81 -34.12 -5.04
C ARG A 326 2.08 -35.20 -6.06
N PHE A 327 2.81 -36.21 -5.66
CA PHE A 327 3.17 -37.33 -6.53
C PHE A 327 2.77 -38.66 -5.90
N PRO A 328 1.47 -39.04 -6.00
CA PRO A 328 1.05 -40.01 -4.98
C PRO A 328 1.63 -41.38 -5.27
N ALA A 329 2.01 -41.67 -6.52
CA ALA A 329 2.69 -42.95 -6.82
C ALA A 329 4.19 -42.75 -6.99
N GLY A 330 4.85 -42.19 -5.96
CA GLY A 330 6.32 -41.93 -5.90
C GLY A 330 6.82 -40.69 -6.69
N PRO A 331 7.51 -39.75 -6.03
CA PRO A 331 8.05 -38.56 -6.80
C PRO A 331 9.03 -38.95 -7.89
N PRO A 332 8.96 -38.30 -9.09
CA PRO A 332 9.89 -38.78 -10.08
C PRO A 332 11.35 -38.51 -9.73
N ASP A 333 12.19 -38.71 -10.71
CA ASP A 333 13.59 -38.87 -10.51
C ASP A 333 14.31 -37.57 -10.33
N GLY A 334 15.12 -37.45 -9.31
CA GLY A 334 15.92 -36.22 -9.12
C GLY A 334 15.23 -35.21 -8.18
N TYR A 335 13.94 -35.46 -7.87
CA TYR A 335 13.12 -34.59 -7.02
C TYR A 335 13.58 -34.50 -5.61
N ARG A 336 13.64 -35.66 -4.97
CA ARG A 336 14.13 -35.75 -3.59
C ARG A 336 15.47 -35.03 -3.33
N GLU A 337 16.36 -35.08 -4.31
CA GLU A 337 17.68 -34.53 -4.13
C GLU A 337 17.62 -33.02 -4.25
N ARG A 338 16.82 -32.54 -5.20
CA ARG A 338 16.50 -31.13 -5.34
C ARG A 338 15.86 -30.59 -4.07
N ALA A 339 14.86 -31.32 -3.56
CA ALA A 339 14.23 -30.92 -2.33
C ALA A 339 15.24 -30.81 -1.20
N ALA A 340 16.11 -31.79 -1.10
CA ALA A 340 17.03 -31.84 0.01
C ALA A 340 18.00 -30.67 -0.09
N TYR A 341 18.41 -30.34 -1.32
CA TYR A 341 19.30 -29.22 -1.58
C TYR A 341 18.68 -27.90 -1.11
N GLU A 342 17.42 -27.70 -1.51
CA GLU A 342 16.70 -26.48 -1.16
C GLU A 342 16.57 -26.40 0.36
N ILE A 343 16.09 -27.50 0.98
CA ILE A 343 15.84 -27.51 2.43
C ILE A 343 17.09 -27.09 3.18
N ASP A 344 18.19 -27.32 2.51
CA ASP A 344 19.44 -27.22 3.09
C ASP A 344 19.88 -25.78 3.06
N VAL A 345 19.76 -25.17 1.89
CA VAL A 345 19.90 -23.71 1.75
C VAL A 345 18.98 -22.97 2.71
N ILE A 346 17.73 -23.42 2.80
CA ILE A 346 16.71 -22.72 3.53
C ILE A 346 17.11 -22.72 5.00
N CYS A 347 17.52 -23.88 5.49
CA CYS A 347 17.83 -23.96 6.92
C CYS A 347 19.05 -23.16 7.13
N SER A 348 19.96 -23.30 6.20
CA SER A 348 21.13 -22.54 6.30
C SER A 348 20.90 -21.00 6.41
N LYS A 349 19.98 -20.44 5.65
CA LYS A 349 19.74 -19.01 5.72
C LYS A 349 18.86 -18.59 6.86
N GLY A 350 18.26 -19.54 7.53
CA GLY A 350 17.44 -19.28 8.67
C GLY A 350 15.98 -19.10 8.42
N PHE A 351 15.53 -19.51 7.26
CA PHE A 351 14.16 -19.31 6.90
C PHE A 351 13.18 -20.46 6.98
N PRO A 352 13.44 -21.52 7.69
CA PRO A 352 12.38 -22.52 7.62
C PRO A 352 11.00 -22.08 8.16
N SER A 353 10.94 -21.26 9.23
CA SER A 353 9.67 -20.70 9.73
C SER A 353 8.82 -19.98 8.66
N TYR A 354 9.50 -19.19 7.84
CA TYR A 354 8.80 -18.42 6.87
C TYR A 354 8.03 -19.37 5.95
N PHE A 355 8.69 -20.48 5.61
CA PHE A 355 8.11 -21.39 4.63
C PHE A 355 6.89 -22.01 5.27
N LEU A 356 7.08 -22.44 6.49
CA LEU A 356 6.03 -23.04 7.27
C LEU A 356 4.80 -22.17 7.45
N ILE A 357 5.05 -20.87 7.72
CA ILE A 357 3.99 -19.88 7.84
C ILE A 357 3.18 -19.72 6.52
N VAL A 358 3.88 -19.48 5.43
CA VAL A 358 3.16 -19.29 4.21
C VAL A 358 2.38 -20.57 3.85
N ALA A 359 3.00 -21.73 4.06
CA ALA A 359 2.33 -23.03 3.85
C ALA A 359 1.01 -23.09 4.65
N ASP A 360 1.08 -22.59 5.89
CA ASP A 360 -0.01 -22.74 6.82
C ASP A 360 -1.18 -21.85 6.42
N LEU A 361 -0.84 -20.68 5.89
CA LEU A 361 -1.83 -19.75 5.38
C LEU A 361 -2.51 -20.35 4.19
N ILE A 362 -1.72 -20.95 3.30
CA ILE A 362 -2.31 -21.61 2.12
C ILE A 362 -3.19 -22.82 2.44
N SER A 363 -2.76 -23.52 3.46
CA SER A 363 -3.46 -24.65 4.00
C SER A 363 -4.81 -24.19 4.49
N TYR A 364 -4.84 -23.11 5.27
CA TYR A 364 -6.09 -22.57 5.79
C TYR A 364 -7.06 -22.11 4.68
N ALA A 365 -6.52 -21.41 3.69
CA ALA A 365 -7.33 -20.97 2.60
C ALA A 365 -8.10 -22.13 2.02
N ARG A 366 -7.47 -23.30 1.92
CA ARG A 366 -8.11 -24.41 1.25
C ARG A 366 -9.13 -25.01 2.17
N SER A 367 -8.76 -25.23 3.41
CA SER A 367 -9.74 -25.69 4.40
C SER A 367 -11.00 -24.80 4.42
N ALA A 368 -10.88 -23.55 3.99
CA ALA A 368 -11.98 -22.63 4.03
C ALA A 368 -12.64 -22.32 2.69
N GLY A 369 -12.18 -22.98 1.63
CA GLY A 369 -12.76 -22.77 0.33
C GLY A 369 -12.36 -21.46 -0.32
N ILE A 370 -11.18 -20.93 0.01
CA ILE A 370 -10.72 -19.65 -0.56
C ILE A 370 -9.79 -19.94 -1.73
N ARG A 371 -10.16 -19.60 -2.95
CA ARG A 371 -9.28 -19.89 -4.09
C ARG A 371 -7.95 -19.12 -4.08
N VAL A 372 -6.83 -19.85 -4.09
CA VAL A 372 -5.51 -19.22 -4.12
C VAL A 372 -4.97 -19.31 -5.52
N GLY A 373 -3.85 -18.66 -5.75
CA GLY A 373 -3.25 -18.57 -7.04
C GLY A 373 -2.20 -19.66 -7.14
N PRO A 374 -1.82 -19.95 -8.38
CA PRO A 374 -0.75 -20.84 -8.66
C PRO A 374 0.60 -20.19 -8.24
N GLY A 375 0.55 -18.89 -7.88
CA GLY A 375 1.66 -18.23 -7.21
C GLY A 375 2.43 -17.36 -8.15
N ARG A 376 3.10 -16.36 -7.59
CA ARG A 376 3.81 -15.38 -8.42
C ARG A 376 5.20 -15.16 -7.92
N GLY A 377 5.99 -14.38 -8.67
CA GLY A 377 7.28 -14.03 -8.17
C GLY A 377 8.24 -15.21 -8.23
N SER A 378 9.40 -15.00 -7.60
CA SER A 378 10.49 -15.97 -7.58
C SER A 378 10.25 -17.32 -7.00
N ALA A 379 9.30 -17.44 -6.08
CA ALA A 379 9.13 -18.66 -5.31
C ALA A 379 8.75 -19.87 -6.16
N ALA A 380 8.27 -19.62 -7.38
CA ALA A 380 7.86 -20.68 -8.27
C ALA A 380 9.03 -21.54 -8.78
N GLY A 381 10.25 -21.12 -8.50
CA GLY A 381 11.38 -21.94 -8.84
C GLY A 381 11.85 -22.79 -7.67
N SER A 382 11.00 -22.97 -6.68
CA SER A 382 11.39 -23.71 -5.50
C SER A 382 10.54 -24.95 -5.41
N LEU A 383 11.18 -26.13 -5.42
CA LEU A 383 10.43 -27.38 -5.34
C LEU A 383 9.79 -27.48 -3.97
N VAL A 384 10.47 -26.97 -2.94
CA VAL A 384 9.91 -26.89 -1.60
C VAL A 384 8.55 -26.09 -1.59
N ALA A 385 8.54 -24.89 -2.16
CA ALA A 385 7.32 -24.08 -2.26
C ALA A 385 6.18 -24.93 -2.85
N TYR A 386 6.50 -25.59 -3.95
CA TYR A 386 5.57 -26.48 -4.64
C TYR A 386 5.11 -27.66 -3.81
N ALA A 387 6.07 -28.31 -3.17
CA ALA A 387 5.79 -29.37 -2.24
C ALA A 387 4.75 -28.95 -1.14
N LEU A 388 5.01 -27.80 -0.49
CA LEU A 388 4.18 -27.32 0.60
C LEU A 388 2.86 -26.66 0.16
N GLY A 389 2.64 -26.55 -1.14
CA GLY A 389 1.47 -25.81 -1.63
C GLY A 389 1.61 -24.29 -1.71
N ILE A 390 2.74 -23.71 -1.30
CA ILE A 390 2.96 -22.30 -1.55
C ILE A 390 2.85 -21.99 -3.03
N THR A 391 3.32 -22.84 -3.92
CA THR A 391 2.93 -22.58 -5.31
C THR A 391 2.29 -23.80 -5.90
N ASP A 392 1.91 -23.70 -7.16
CA ASP A 392 1.34 -24.85 -7.85
C ASP A 392 2.01 -25.04 -9.19
N ILE A 393 3.21 -24.52 -9.32
CA ILE A 393 3.99 -24.71 -10.52
C ILE A 393 5.15 -25.59 -10.16
N ASP A 394 5.23 -26.73 -10.79
CA ASP A 394 6.32 -27.61 -10.53
C ASP A 394 7.53 -27.02 -11.25
N PRO A 395 8.57 -26.63 -10.49
CA PRO A 395 9.66 -25.87 -11.14
C PRO A 395 10.44 -26.69 -12.16
N ILE A 396 10.39 -28.01 -12.01
CA ILE A 396 11.21 -28.90 -12.83
C ILE A 396 10.72 -28.99 -14.28
N PRO A 397 9.48 -29.45 -14.49
CA PRO A 397 9.02 -29.41 -15.87
C PRO A 397 9.09 -28.03 -16.51
N HIS A 398 9.17 -26.93 -15.76
CA HIS A 398 9.25 -25.63 -16.46
C HIS A 398 10.67 -25.06 -16.43
N GLY A 399 11.56 -25.76 -15.80
CA GLY A 399 12.92 -25.31 -15.84
C GLY A 399 13.11 -23.98 -15.15
N LEU A 400 12.71 -23.92 -13.90
CA LEU A 400 12.84 -22.71 -13.14
C LEU A 400 13.94 -22.95 -12.16
N LEU A 401 14.53 -21.87 -11.65
CA LEU A 401 15.82 -22.02 -10.96
C LEU A 401 15.75 -21.66 -9.54
N PHE A 402 15.94 -22.66 -8.71
CA PHE A 402 15.91 -22.35 -7.29
C PHE A 402 16.84 -21.19 -6.90
N GLU A 403 18.00 -21.08 -7.51
CA GLU A 403 18.95 -20.06 -7.05
C GLU A 403 18.58 -18.64 -7.48
N ARG A 404 17.58 -18.54 -8.34
CA ARG A 404 17.02 -17.24 -8.71
C ARG A 404 16.17 -16.68 -7.55
N PHE A 405 15.66 -17.61 -6.75
CA PHE A 405 14.75 -17.37 -5.67
C PHE A 405 15.51 -17.10 -4.41
N LEU A 406 16.41 -18.01 -4.09
CA LEU A 406 17.21 -17.97 -2.88
C LEU A 406 18.63 -18.34 -3.26
N ASN A 407 19.47 -17.33 -3.33
CA ASN A 407 20.81 -17.50 -3.85
C ASN A 407 21.64 -17.78 -2.66
N PRO A 408 22.29 -18.96 -2.68
CA PRO A 408 23.05 -19.44 -1.53
C PRO A 408 24.26 -18.55 -1.22
N GLU A 409 24.67 -17.70 -2.15
CA GLU A 409 25.89 -16.94 -2.02
C GLU A 409 25.65 -15.54 -1.66
N ARG A 410 24.39 -15.14 -1.57
CA ARG A 410 24.04 -13.80 -1.15
C ARG A 410 23.10 -13.97 -0.03
N THR A 411 23.11 -13.04 0.88
CA THR A 411 22.31 -13.15 2.06
C THR A 411 21.33 -12.02 1.81
N SER A 412 20.05 -12.27 2.05
CA SER A 412 18.94 -11.41 1.58
C SER A 412 17.63 -12.14 1.84
N MET A 413 16.56 -11.37 2.00
CA MET A 413 15.24 -11.84 2.38
C MET A 413 14.41 -12.16 1.17
N PRO A 414 13.99 -13.40 1.03
CA PRO A 414 13.08 -13.71 -0.08
C PRO A 414 11.69 -13.09 0.14
N ASP A 415 10.94 -12.98 -0.93
CA ASP A 415 9.57 -12.53 -0.87
C ASP A 415 8.60 -13.70 -1.07
N ILE A 416 7.99 -14.18 -0.02
CA ILE A 416 7.03 -15.26 -0.21
C ILE A 416 5.65 -14.75 0.15
N ASP A 417 4.80 -14.71 -0.84
CA ASP A 417 3.53 -14.02 -0.69
C ASP A 417 2.37 -14.94 -1.01
N ILE A 418 1.28 -14.87 -0.28
CA ILE A 418 0.03 -15.42 -0.76
C ILE A 418 -0.74 -14.48 -1.72
N ASP A 419 -1.71 -15.02 -2.42
CA ASP A 419 -2.53 -14.28 -3.39
C ASP A 419 -3.82 -15.11 -3.70
N PHE A 420 -4.98 -14.49 -3.61
CA PHE A 420 -6.20 -15.25 -3.55
C PHE A 420 -7.32 -14.38 -3.98
N ASP A 421 -8.51 -14.94 -3.79
CA ASP A 421 -9.80 -14.43 -4.19
C ASP A 421 -10.00 -13.08 -3.55
N ASP A 422 -10.06 -12.06 -4.40
CA ASP A 422 -10.10 -10.72 -3.91
C ASP A 422 -11.17 -10.50 -2.89
N ARG A 423 -12.34 -11.09 -3.09
CA ARG A 423 -13.37 -10.92 -2.08
C ARG A 423 -13.15 -11.62 -0.75
N ARG A 424 -11.96 -12.16 -0.47
CA ARG A 424 -11.79 -12.90 0.79
C ARG A 424 -10.58 -12.53 1.56
N ARG A 425 -9.93 -11.41 1.16
CA ARG A 425 -8.79 -10.88 1.91
C ARG A 425 -9.09 -10.66 3.40
N GLY A 426 -10.28 -10.18 3.67
CA GLY A 426 -10.73 -9.96 5.04
C GLY A 426 -10.47 -11.15 5.91
N GLU A 427 -10.90 -12.32 5.44
CA GLU A 427 -10.79 -13.55 6.23
C GLU A 427 -9.34 -13.94 6.45
N MET A 428 -8.57 -13.82 5.36
CA MET A 428 -7.16 -14.17 5.37
C MET A 428 -6.38 -13.39 6.41
N VAL A 429 -6.67 -12.09 6.45
CA VAL A 429 -6.01 -11.16 7.36
C VAL A 429 -6.44 -11.48 8.80
N ARG A 430 -7.74 -11.72 8.99
CA ARG A 430 -8.23 -12.08 10.31
C ARG A 430 -7.63 -13.39 10.77
N TYR A 431 -7.42 -14.34 9.84
CA TYR A 431 -6.91 -15.65 10.21
C TYR A 431 -5.50 -15.47 10.73
N ALA A 432 -4.71 -14.69 10.00
CA ALA A 432 -3.31 -14.43 10.37
C ALA A 432 -3.20 -13.85 11.75
N ALA A 433 -4.09 -12.91 12.05
CA ALA A 433 -4.05 -12.26 13.31
C ALA A 433 -4.38 -13.26 14.41
N ASP A 434 -5.36 -14.16 14.14
CA ASP A 434 -5.73 -15.21 15.14
C ASP A 434 -4.61 -16.14 15.35
N LYS A 435 -4.00 -16.62 14.29
CA LYS A 435 -2.89 -17.56 14.43
C LYS A 435 -1.67 -16.93 15.09
N TRP A 436 -1.32 -15.71 14.72
CA TRP A 436 0.00 -15.20 15.10
C TRP A 436 0.04 -14.23 16.25
N GLY A 437 -1.16 -13.78 16.69
CA GLY A 437 -1.30 -12.73 17.71
C GLY A 437 -1.89 -11.44 17.19
N HIS A 438 -3.05 -11.06 17.77
CA HIS A 438 -3.66 -9.75 17.47
C HIS A 438 -2.73 -8.58 17.77
N ASP A 439 -1.80 -8.76 18.68
CA ASP A 439 -0.84 -7.72 18.98
C ASP A 439 0.47 -7.94 18.25
N ARG A 440 0.47 -8.85 17.26
CA ARG A 440 1.70 -9.27 16.57
C ARG A 440 1.52 -9.21 15.05
N VAL A 441 0.28 -9.00 14.60
CA VAL A 441 0.01 -8.87 13.17
C VAL A 441 -0.62 -7.50 12.94
N ALA A 442 -0.19 -6.76 11.92
CA ALA A 442 -0.82 -5.47 11.60
C ALA A 442 -0.78 -5.24 10.09
N GLN A 443 -1.82 -4.60 9.54
CA GLN A 443 -1.72 -4.07 8.20
C GLN A 443 -0.79 -2.83 8.17
N VAL A 444 -0.36 -2.45 6.97
CA VAL A 444 0.67 -1.46 6.84
C VAL A 444 0.10 -0.16 6.37
N ILE A 445 0.54 0.93 6.98
CA ILE A 445 0.09 2.29 6.62
C ILE A 445 0.42 2.63 5.18
N THR A 446 -0.38 3.44 4.52
CA THR A 446 0.18 4.17 3.34
C THR A 446 -0.03 5.66 3.54
N PHE A 447 0.87 6.49 2.99
CA PHE A 447 0.67 7.94 3.14
C PHE A 447 0.04 8.59 1.91
N GLY A 448 -1.19 9.08 2.05
CA GLY A 448 -1.85 9.87 1.01
C GLY A 448 -1.16 11.20 0.72
N THR A 449 -0.35 11.21 -0.31
CA THR A 449 0.34 12.39 -0.71
C THR A 449 -0.46 13.22 -1.70
N ILE A 450 -0.46 14.55 -1.56
CA ILE A 450 -1.20 15.40 -2.50
C ILE A 450 -0.55 15.42 -3.88
N LYS A 451 -1.26 14.75 -4.79
CA LYS A 451 -0.97 14.61 -6.20
C LYS A 451 -1.43 15.83 -7.00
N THR A 452 -0.67 16.14 -8.05
CA THR A 452 -0.97 17.08 -9.12
C THR A 452 -2.43 17.34 -9.44
N LYS A 453 -3.21 16.33 -9.79
CA LYS A 453 -4.62 16.60 -10.09
C LYS A 453 -5.49 17.15 -8.92
N ALA A 454 -5.38 16.53 -7.73
CA ALA A 454 -6.19 16.95 -6.58
C ALA A 454 -5.58 18.20 -5.98
N ALA A 455 -4.25 18.37 -6.12
CA ALA A 455 -3.61 19.68 -5.79
C ALA A 455 -4.33 20.88 -6.44
N LEU A 456 -4.75 20.71 -7.70
CA LEU A 456 -5.45 21.75 -8.42
C LEU A 456 -6.86 21.91 -7.98
N LYS A 457 -7.59 20.81 -7.83
CA LYS A 457 -8.97 20.86 -7.29
C LYS A 457 -8.98 21.49 -5.89
N ASP A 458 -7.91 21.25 -5.14
CA ASP A 458 -7.76 21.74 -3.79
C ASP A 458 -7.57 23.23 -3.84
N SER A 459 -6.58 23.62 -4.64
CA SER A 459 -6.25 25.01 -4.84
C SER A 459 -7.48 25.84 -5.27
N ALA A 460 -8.30 25.25 -6.10
CA ALA A 460 -9.51 25.91 -6.46
C ALA A 460 -10.52 26.05 -5.33
N ARG A 461 -10.78 24.99 -4.55
CA ARG A 461 -11.77 25.07 -3.45
C ARG A 461 -11.30 26.15 -2.44
N ILE A 462 -9.98 26.32 -2.32
CA ILE A 462 -9.35 27.25 -1.40
C ILE A 462 -9.63 28.70 -1.79
N HIS A 463 -9.41 29.00 -3.07
CA HIS A 463 -9.68 30.35 -3.61
C HIS A 463 -11.14 30.62 -3.93
N TYR A 464 -11.87 29.63 -4.39
CA TYR A 464 -13.23 29.88 -4.83
C TYR A 464 -14.42 29.32 -4.04
N GLY A 465 -14.22 28.33 -3.17
CA GLY A 465 -15.35 27.71 -2.40
C GLY A 465 -16.08 26.64 -3.22
N GLN A 466 -17.30 26.26 -2.79
CA GLN A 466 -18.22 25.39 -3.63
C GLN A 466 -18.27 25.75 -5.11
N PRO A 467 -18.41 27.07 -5.44
CA PRO A 467 -18.42 27.50 -6.82
C PRO A 467 -17.07 27.38 -7.53
N GLY A 468 -16.03 26.99 -6.78
CA GLY A 468 -14.67 26.88 -7.30
C GLY A 468 -14.61 25.76 -8.30
N PHE A 469 -15.68 24.93 -8.31
CA PHE A 469 -15.74 23.69 -9.10
C PHE A 469 -15.53 23.98 -10.58
N ALA A 470 -16.07 25.14 -11.01
CA ALA A 470 -16.10 25.56 -12.39
C ALA A 470 -14.66 25.73 -12.85
N ILE A 471 -13.96 26.69 -12.22
CA ILE A 471 -12.53 26.95 -12.52
C ILE A 471 -11.65 25.68 -12.44
N ALA A 472 -11.92 24.91 -11.37
CA ALA A 472 -11.26 23.65 -11.04
C ALA A 472 -11.39 22.66 -12.20
N ASP A 473 -12.65 22.46 -12.60
CA ASP A 473 -13.04 21.58 -13.70
C ASP A 473 -12.40 22.05 -14.98
N ARG A 474 -12.34 23.38 -15.16
CA ARG A 474 -11.73 24.00 -16.31
C ARG A 474 -10.24 23.68 -16.38
N ILE A 475 -9.51 23.86 -15.26
CA ILE A 475 -8.07 23.57 -15.25
C ILE A 475 -7.80 22.11 -15.55
N THR A 476 -8.47 21.23 -14.82
CA THR A 476 -8.21 19.79 -14.88
C THR A 476 -8.36 19.15 -16.29
N LYS A 477 -9.31 19.67 -17.09
CA LYS A 477 -9.51 19.16 -18.48
C LYS A 477 -8.33 19.44 -19.41
N ALA A 478 -7.73 20.62 -19.25
CA ALA A 478 -6.57 21.07 -20.04
C ALA A 478 -5.34 20.17 -19.89
N LEU A 479 -5.43 19.26 -18.92
CA LEU A 479 -4.31 18.47 -18.51
C LEU A 479 -4.00 17.40 -19.55
N PRO A 480 -2.70 17.19 -19.87
CA PRO A 480 -2.38 16.00 -20.71
C PRO A 480 -3.00 14.71 -20.10
N PRO A 481 -3.49 13.73 -20.92
CA PRO A 481 -3.95 12.46 -20.29
C PRO A 481 -2.78 11.74 -19.60
N ALA A 482 -3.09 10.80 -18.68
CA ALA A 482 -2.09 10.29 -17.71
C ALA A 482 -0.99 9.35 -18.29
N ILE A 483 -0.11 8.81 -17.43
CA ILE A 483 0.88 7.77 -17.87
C ILE A 483 1.08 6.61 -16.84
N MET A 484 0.12 5.68 -16.76
CA MET A 484 -1.29 5.86 -17.20
C MET A 484 -2.15 6.17 -15.97
N ALA A 485 -1.59 5.89 -14.80
CA ALA A 485 -2.14 6.32 -13.51
C ALA A 485 -1.32 7.46 -12.80
N LYS A 486 -0.49 8.16 -13.59
CA LYS A 486 0.36 9.21 -13.04
C LYS A 486 0.41 10.57 -13.75
N ASP A 487 -0.56 11.42 -13.42
CA ASP A 487 -0.66 12.82 -13.90
C ASP A 487 0.68 13.59 -13.76
N ILE A 488 0.89 14.57 -14.63
CA ILE A 488 2.20 15.27 -14.84
C ILE A 488 2.76 16.12 -13.66
N PRO A 489 3.94 15.78 -13.08
CA PRO A 489 4.43 16.60 -11.90
C PRO A 489 4.23 18.11 -12.14
N LEU A 490 3.54 18.84 -11.27
CA LEU A 490 3.20 20.29 -11.52
C LEU A 490 4.38 21.12 -11.92
N SER A 491 5.39 21.15 -11.04
CA SER A 491 6.66 21.82 -11.34
C SER A 491 7.10 21.57 -12.80
N GLY A 492 6.85 20.35 -13.25
CA GLY A 492 6.99 19.92 -14.65
C GLY A 492 6.53 20.91 -15.69
N ILE A 493 5.30 21.41 -15.60
CA ILE A 493 4.90 22.50 -16.52
C ILE A 493 5.89 23.74 -16.51
N THR A 494 6.86 23.71 -15.58
CA THR A 494 8.16 24.47 -15.70
C THR A 494 9.28 23.80 -16.58
N GLU A 503 6.54 18.20 -21.63
CA GLU A 503 5.43 19.17 -21.84
C GLU A 503 4.66 19.18 -23.20
N ALA A 504 3.59 18.39 -23.27
CA ALA A 504 2.50 18.52 -24.28
C ALA A 504 1.29 19.32 -23.63
N ALA A 505 1.51 20.55 -23.19
CA ALA A 505 0.41 21.26 -22.56
C ALA A 505 -0.07 22.59 -23.15
N GLU A 506 -1.40 22.66 -23.31
CA GLU A 506 -2.17 23.78 -23.80
C GLU A 506 -2.49 24.63 -22.60
N VAL A 507 -2.81 23.91 -21.53
CA VAL A 507 -3.14 24.44 -20.24
C VAL A 507 -2.04 25.42 -19.82
N ARG A 508 -0.79 25.02 -19.99
CA ARG A 508 0.27 25.97 -19.62
C ARG A 508 -0.11 27.36 -20.11
N GLY A 509 -0.50 27.42 -21.38
CA GLY A 509 -1.01 28.65 -21.99
C GLY A 509 -2.14 29.19 -21.16
N LEU A 510 -3.08 28.33 -20.78
CA LEU A 510 -4.18 28.76 -19.92
C LEU A 510 -3.71 29.66 -18.76
N ILE A 511 -2.61 29.35 -18.12
CA ILE A 511 -2.15 30.20 -17.02
C ILE A 511 -1.55 31.52 -17.49
N GLU A 512 -0.64 31.43 -18.45
CA GLU A 512 0.00 32.62 -19.02
C GLU A 512 -1.10 33.60 -19.47
N THR A 513 -2.25 33.05 -19.91
CA THR A 513 -3.46 33.82 -20.26
C THR A 513 -4.15 34.39 -19.01
N ASP A 514 -4.84 33.50 -18.29
CA ASP A 514 -5.70 33.83 -17.17
C ASP A 514 -4.89 34.09 -15.87
N PRO A 515 -5.06 35.26 -15.21
CA PRO A 515 -4.30 35.56 -13.97
C PRO A 515 -4.73 34.73 -12.74
N ASP A 516 -6.02 34.38 -12.72
CA ASP A 516 -6.64 33.55 -11.69
C ASP A 516 -6.09 32.11 -11.69
N VAL A 517 -5.95 31.54 -12.89
CA VAL A 517 -5.30 30.24 -13.07
C VAL A 517 -3.81 30.26 -12.69
N ARG A 518 -3.06 31.32 -13.01
CA ARG A 518 -1.68 31.39 -12.52
C ARG A 518 -1.68 31.31 -11.00
N THR A 519 -2.59 32.05 -10.35
CA THR A 519 -2.65 32.00 -8.88
C THR A 519 -3.12 30.63 -8.33
N ILE A 520 -4.04 29.93 -8.99
CA ILE A 520 -4.41 28.55 -8.61
C ILE A 520 -3.25 27.57 -8.84
N TYR A 521 -2.57 27.70 -9.96
CA TYR A 521 -1.44 26.83 -10.20
C TYR A 521 -0.38 27.12 -9.13
N GLN A 522 -0.17 28.38 -8.78
CA GLN A 522 0.84 28.72 -7.80
C GLN A 522 0.58 28.08 -6.41
N THR A 523 -0.66 28.19 -5.97
CA THR A 523 -1.07 27.70 -4.67
C THR A 523 -0.94 26.20 -4.64
N ALA A 524 -1.28 25.54 -5.74
CA ALA A 524 -1.19 24.07 -5.83
C ALA A 524 0.23 23.52 -5.77
N ARG A 525 1.21 24.29 -6.20
CA ARG A 525 2.57 23.84 -6.08
C ARG A 525 2.99 23.87 -4.63
N GLY A 526 2.43 24.81 -3.87
CA GLY A 526 2.78 24.91 -2.44
C GLY A 526 2.22 23.75 -1.63
N LEU A 527 1.43 22.91 -2.28
CA LEU A 527 0.59 21.99 -1.61
C LEU A 527 1.01 20.58 -1.96
N GLU A 528 1.69 20.44 -3.10
CA GLU A 528 2.09 19.17 -3.73
C GLU A 528 3.05 18.33 -2.87
N GLY A 529 2.75 17.04 -2.68
CA GLY A 529 3.64 16.13 -1.93
C GLY A 529 3.68 16.28 -0.40
N LEU A 530 2.91 17.22 0.11
CA LEU A 530 2.45 17.16 1.48
C LEU A 530 1.46 15.97 1.60
N ILE A 531 1.12 15.61 2.84
CA ILE A 531 0.52 14.32 3.10
C ILE A 531 -0.87 14.61 3.51
N ARG A 532 -1.86 14.06 2.86
CA ARG A 532 -3.20 14.38 3.20
C ARG A 532 -3.76 13.60 4.36
N ASN A 533 -3.42 12.34 4.40
CA ASN A 533 -3.97 11.42 5.44
C ASN A 533 -3.17 10.11 5.41
N ALA A 534 -3.58 9.18 6.27
CA ALA A 534 -2.93 7.89 6.38
C ALA A 534 -3.94 6.86 5.86
N GLY A 535 -3.49 6.00 4.94
CA GLY A 535 -4.29 4.90 4.40
C GLY A 535 -3.81 3.59 4.96
N VAL A 536 -4.47 2.51 4.54
CA VAL A 536 -4.02 1.14 4.81
C VAL A 536 -3.58 0.55 3.48
N HIS A 537 -2.40 -0.03 3.41
CA HIS A 537 -1.90 -0.60 2.16
C HIS A 537 -2.83 -1.70 1.64
N ALA A 538 -2.90 -1.79 0.32
CA ALA A 538 -3.76 -2.75 -0.43
C ALA A 538 -3.53 -4.20 -0.07
N CYS A 539 -2.25 -4.58 0.16
CA CYS A 539 -1.90 -5.95 0.49
C CYS A 539 -0.83 -6.24 1.55
N ALA A 540 0.11 -5.33 1.81
CA ALA A 540 1.16 -5.66 2.77
C ALA A 540 0.65 -5.87 4.17
N VAL A 541 1.19 -6.91 4.82
CA VAL A 541 0.99 -7.07 6.25
C VAL A 541 2.29 -7.33 6.97
N ILE A 542 2.45 -6.79 8.20
CA ILE A 542 3.62 -6.96 9.01
C ILE A 542 3.27 -7.93 10.12
N MET A 543 4.17 -8.87 10.41
CA MET A 543 4.08 -9.80 11.53
C MET A 543 5.39 -9.81 12.34
N SER A 544 5.29 -10.18 13.62
CA SER A 544 6.43 -10.22 14.51
C SER A 544 6.40 -11.36 15.55
N SER A 545 7.59 -11.77 16.03
CA SER A 545 7.68 -12.72 17.15
C SER A 545 7.28 -12.08 18.44
N GLU A 546 7.31 -10.76 18.51
CA GLU A 546 7.00 -10.04 19.75
C GLU A 546 5.90 -9.05 19.48
N PRO A 547 5.20 -8.60 20.53
CA PRO A 547 4.18 -7.58 20.36
C PRO A 547 4.72 -6.39 19.57
N LEU A 548 3.94 -5.90 18.61
CA LEU A 548 4.49 -4.94 17.69
C LEU A 548 4.67 -3.60 18.39
N THR A 549 3.98 -3.40 19.54
CA THR A 549 4.09 -2.10 20.24
C THR A 549 5.44 -1.98 20.84
N GLU A 550 6.15 -3.09 20.92
CA GLU A 550 7.51 -3.07 21.44
C GLU A 550 8.50 -2.59 20.43
N ALA A 551 8.11 -2.46 19.15
CA ALA A 551 9.06 -2.16 18.06
C ALA A 551 8.76 -0.87 17.34
N ILE A 552 7.47 -0.60 17.14
CA ILE A 552 7.02 0.51 16.32
C ILE A 552 5.78 1.16 16.89
N PRO A 553 5.51 2.45 16.58
CA PRO A 553 4.18 2.99 16.89
C PRO A 553 3.10 2.40 15.96
N LEU A 554 1.85 2.33 16.41
CA LEU A 554 0.76 1.81 15.59
C LEU A 554 -0.53 2.52 15.86
N TRP A 555 -1.58 2.22 15.11
CA TRP A 555 -2.87 2.86 15.35
C TRP A 555 -4.02 1.93 14.98
N LYS A 556 -5.24 2.29 15.43
CA LYS A 556 -6.46 1.53 15.19
C LYS A 556 -7.27 2.28 14.20
N ARG A 557 -7.66 1.62 13.11
CA ARG A 557 -8.49 2.26 12.10
C ARG A 557 -9.82 2.38 12.81
N PRO A 558 -10.34 3.59 12.95
CA PRO A 558 -11.61 3.77 13.69
C PRO A 558 -12.75 2.94 13.11
N GLN A 559 -12.90 2.92 11.77
CA GLN A 559 -14.04 2.22 11.11
C GLN A 559 -14.19 0.79 11.48
N ASP A 560 -13.12 0.02 11.53
CA ASP A 560 -13.28 -1.43 11.80
C ASP A 560 -12.46 -1.96 12.93
N GLY A 561 -11.56 -1.15 13.46
CA GLY A 561 -10.79 -1.61 14.61
C GLY A 561 -9.52 -2.28 14.18
N ALA A 562 -9.25 -2.26 12.88
CA ALA A 562 -8.04 -2.80 12.33
C ALA A 562 -6.81 -2.14 12.93
N ILE A 563 -5.79 -2.93 13.22
CA ILE A 563 -4.50 -2.43 13.72
C ILE A 563 -3.52 -2.21 12.59
N ILE A 564 -3.00 -1.00 12.48
CA ILE A 564 -2.15 -0.62 11.35
C ILE A 564 -0.79 -0.12 11.80
N THR A 565 0.27 -0.51 11.12
CA THR A 565 1.57 0.00 11.45
C THR A 565 1.64 1.51 11.25
N GLY A 566 2.42 2.16 12.13
CA GLY A 566 2.76 3.55 12.06
C GLY A 566 3.74 3.92 10.95
N TRP A 567 4.63 2.99 10.57
CA TRP A 567 5.59 3.32 9.51
C TRP A 567 5.29 2.43 8.34
N ASP A 568 5.80 2.80 7.15
CA ASP A 568 5.58 1.95 6.00
C ASP A 568 6.47 0.72 5.98
N TYR A 569 6.21 -0.13 4.98
CA TYR A 569 6.77 -1.47 5.10
C TYR A 569 8.29 -1.49 4.94
N PRO A 570 8.90 -0.52 4.20
CA PRO A 570 10.36 -0.65 4.22
C PRO A 570 10.96 -0.29 5.56
N ALA A 571 10.38 0.69 6.25
CA ALA A 571 10.90 1.04 7.58
C ALA A 571 10.73 -0.14 8.54
N CYS A 572 9.67 -0.93 8.33
CA CYS A 572 9.39 -2.01 9.24
C CYS A 572 10.36 -3.16 9.07
N GLU A 573 10.60 -3.51 7.81
CA GLU A 573 11.49 -4.63 7.46
C GLU A 573 12.88 -4.22 7.77
N ALA A 574 13.11 -2.92 7.74
CA ALA A 574 14.43 -2.35 8.00
C ALA A 574 14.88 -2.72 9.43
N ILE A 575 14.00 -3.25 10.26
CA ILE A 575 14.40 -3.44 11.66
C ILE A 575 14.04 -4.85 12.04
N GLY A 576 13.61 -5.60 11.01
CA GLY A 576 13.61 -7.05 11.06
C GLY A 576 12.23 -7.60 11.28
N LEU A 577 11.19 -6.77 11.09
CA LEU A 577 9.82 -7.27 11.07
C LEU A 577 9.60 -8.00 9.76
N LEU A 578 8.77 -9.03 9.81
CA LEU A 578 8.41 -9.76 8.63
C LEU A 578 7.24 -9.08 7.90
N LYS A 579 7.36 -8.94 6.60
CA LYS A 579 6.30 -8.44 5.79
C LYS A 579 5.92 -9.48 4.76
N MET A 580 4.63 -9.66 4.55
CA MET A 580 4.11 -10.56 3.53
C MET A 580 3.07 -9.78 2.80
N ASP A 581 2.92 -10.07 1.50
CA ASP A 581 1.80 -9.49 0.76
C ASP A 581 0.60 -10.41 0.74
N PHE A 582 -0.52 -10.06 1.38
CA PHE A 582 -1.74 -10.85 1.30
C PHE A 582 -2.50 -10.24 0.12
N LEU A 583 -2.22 -10.71 -1.09
CA LEU A 583 -2.81 -10.09 -2.30
C LEU A 583 -4.18 -10.67 -2.75
N GLY A 584 -5.15 -9.79 -2.94
CA GLY A 584 -6.49 -10.19 -3.42
C GLY A 584 -6.49 -9.95 -4.88
N LEU A 585 -6.80 -10.97 -5.66
CA LEU A 585 -6.87 -10.84 -7.12
C LEU A 585 -8.31 -11.10 -7.62
N ARG A 586 -8.80 -10.22 -8.47
CA ARG A 586 -10.15 -10.39 -8.99
C ARG A 586 -10.29 -11.43 -10.08
N ASN A 587 -9.24 -11.70 -10.81
CA ASN A 587 -9.27 -12.72 -11.83
C ASN A 587 -9.47 -14.01 -11.12
N LEU A 588 -8.99 -14.14 -9.91
CA LEU A 588 -9.21 -15.32 -9.13
C LEU A 588 -10.70 -15.43 -8.72
N THR A 589 -11.31 -14.30 -8.32
CA THR A 589 -12.76 -14.23 -8.11
C THR A 589 -13.55 -14.69 -9.36
N ILE A 590 -13.19 -14.12 -10.51
CA ILE A 590 -13.80 -14.47 -11.80
C ILE A 590 -13.63 -15.96 -12.11
N ILE A 591 -12.43 -16.48 -11.91
CA ILE A 591 -12.21 -17.89 -12.08
C ILE A 591 -13.16 -18.70 -11.21
N GLY A 592 -13.22 -18.36 -9.94
CA GLY A 592 -14.01 -19.12 -8.95
C GLY A 592 -15.49 -19.11 -9.34
N ASP A 593 -15.91 -17.99 -9.89
CA ASP A 593 -17.28 -17.80 -10.31
C ASP A 593 -17.57 -18.60 -11.54
N ALA A 594 -16.72 -18.50 -12.56
CA ALA A 594 -16.94 -19.28 -13.74
C ALA A 594 -17.02 -20.79 -13.34
N ILE A 595 -16.17 -21.24 -12.44
CA ILE A 595 -16.18 -22.63 -12.03
C ILE A 595 -17.50 -23.00 -11.38
N ASP A 596 -18.03 -22.09 -10.56
CA ASP A 596 -19.28 -22.27 -9.84
C ASP A 596 -20.45 -22.37 -10.79
N ASN A 597 -20.40 -21.53 -11.81
CA ASN A 597 -21.34 -21.53 -12.91
C ASN A 597 -21.31 -22.87 -13.63
N VAL A 598 -20.13 -23.45 -13.83
CA VAL A 598 -20.05 -24.71 -14.50
C VAL A 598 -20.69 -25.79 -13.59
N ARG A 599 -20.49 -25.73 -12.27
CA ARG A 599 -21.14 -26.69 -11.38
C ARG A 599 -22.63 -26.61 -11.52
N ALA A 600 -23.14 -25.39 -11.60
CA ALA A 600 -24.55 -25.20 -11.46
C ALA A 600 -25.27 -25.54 -12.76
N ASN A 601 -24.78 -25.00 -13.88
CA ASN A 601 -25.45 -25.04 -15.17
C ASN A 601 -25.10 -26.33 -15.94
N ARG A 602 -23.99 -27.01 -15.61
CA ARG A 602 -23.54 -28.19 -16.36
C ARG A 602 -23.33 -29.40 -15.48
N GLY A 603 -23.43 -29.23 -14.18
CA GLY A 603 -23.23 -30.37 -13.29
C GLY A 603 -21.83 -30.93 -13.31
N ILE A 604 -20.93 -30.34 -14.09
CA ILE A 604 -19.53 -30.73 -13.98
C ILE A 604 -18.89 -30.00 -12.84
N ASP A 605 -17.90 -30.62 -12.27
CA ASP A 605 -17.28 -30.04 -11.14
C ASP A 605 -15.81 -29.91 -11.41
N LEU A 606 -15.42 -28.84 -12.09
CA LEU A 606 -14.07 -28.60 -12.56
C LEU A 606 -12.95 -28.37 -11.60
N ASP A 607 -11.88 -29.11 -11.76
CA ASP A 607 -10.75 -28.89 -10.92
C ASP A 607 -9.57 -28.42 -11.79
N LEU A 608 -9.31 -27.13 -11.80
CA LEU A 608 -8.28 -26.56 -12.67
C LEU A 608 -6.91 -27.16 -12.49
N GLU A 609 -6.66 -27.58 -11.26
CA GLU A 609 -5.35 -28.08 -10.97
C GLU A 609 -5.03 -29.39 -11.73
N SER A 610 -5.94 -29.83 -12.58
CA SER A 610 -5.74 -31.05 -13.25
C SER A 610 -6.19 -30.92 -14.69
N VAL A 611 -6.22 -29.71 -15.19
CA VAL A 611 -6.59 -29.51 -16.57
C VAL A 611 -5.32 -29.77 -17.35
N PRO A 612 -5.40 -30.48 -18.45
CA PRO A 612 -4.20 -30.60 -19.28
C PRO A 612 -3.64 -29.23 -19.80
N LEU A 613 -2.36 -29.10 -20.16
CA LEU A 613 -1.90 -27.77 -20.62
C LEU A 613 -1.85 -27.63 -22.11
N ASP A 614 -2.50 -28.57 -22.78
CA ASP A 614 -2.36 -28.76 -24.24
C ASP A 614 -3.72 -28.77 -24.94
N ASP A 615 -4.71 -28.16 -24.32
CA ASP A 615 -6.07 -28.25 -24.78
C ASP A 615 -6.21 -27.55 -26.14
N LYS A 616 -6.53 -28.34 -27.15
CA LYS A 616 -6.63 -27.84 -28.52
C LYS A 616 -7.54 -26.63 -28.65
N ALA A 617 -8.74 -26.77 -28.09
CA ALA A 617 -9.72 -25.67 -28.03
C ALA A 617 -9.13 -24.29 -27.62
N THR A 618 -8.28 -24.34 -26.57
CA THR A 618 -7.75 -23.18 -25.93
C THR A 618 -6.82 -22.52 -26.88
N TYR A 619 -5.92 -23.32 -27.46
CA TYR A 619 -4.92 -22.74 -28.32
C TYR A 619 -5.57 -22.23 -29.54
N GLU A 620 -6.66 -22.90 -29.93
CA GLU A 620 -7.42 -22.42 -31.08
C GLU A 620 -7.93 -21.00 -30.80
N LEU A 621 -8.49 -20.82 -29.60
CA LEU A 621 -9.04 -19.56 -29.18
C LEU A 621 -7.97 -18.50 -29.15
N LEU A 622 -6.77 -18.94 -28.71
CA LEU A 622 -5.63 -18.03 -28.58
C LEU A 622 -5.24 -17.55 -29.96
N GLY A 623 -5.23 -18.49 -30.93
CA GLY A 623 -4.90 -18.26 -32.33
C GLY A 623 -5.79 -17.24 -33.03
N ARG A 624 -7.04 -17.15 -32.58
CA ARG A 624 -7.96 -16.17 -33.12
C ARG A 624 -7.68 -14.83 -32.48
N GLY A 625 -7.02 -14.84 -31.34
CA GLY A 625 -6.89 -13.61 -30.56
C GLY A 625 -8.22 -13.16 -29.94
N ASP A 626 -9.14 -14.09 -29.65
CA ASP A 626 -10.43 -13.77 -29.01
C ASP A 626 -10.19 -13.78 -27.53
N THR A 627 -9.29 -12.94 -27.08
CA THR A 627 -8.85 -12.97 -25.69
C THR A 627 -9.42 -11.85 -24.79
N LEU A 628 -10.50 -11.22 -25.21
CA LEU A 628 -11.13 -10.23 -24.34
C LEU A 628 -11.55 -10.88 -23.08
N GLY A 629 -10.99 -10.40 -22.00
CA GLY A 629 -11.34 -10.85 -20.70
C GLY A 629 -10.50 -12.01 -20.27
N VAL A 630 -9.50 -12.40 -21.08
CA VAL A 630 -8.55 -13.42 -20.54
C VAL A 630 -7.33 -12.70 -19.97
N PHE A 631 -6.95 -13.10 -18.76
CA PHE A 631 -5.91 -12.48 -17.96
C PHE A 631 -4.64 -12.24 -18.71
N GLN A 632 -4.22 -10.97 -18.76
CA GLN A 632 -2.95 -10.56 -19.38
C GLN A 632 -2.90 -10.66 -20.89
N LEU A 633 -3.94 -11.14 -21.56
CA LEU A 633 -3.89 -11.28 -23.01
C LEU A 633 -4.93 -10.49 -23.76
N ASP A 634 -5.51 -9.48 -23.13
CA ASP A 634 -6.54 -8.74 -23.82
C ASP A 634 -6.18 -7.54 -24.61
N GLY A 635 -5.02 -6.96 -24.39
CA GLY A 635 -4.65 -5.79 -25.12
C GLY A 635 -4.85 -5.94 -26.59
N GLY A 636 -5.03 -4.84 -27.28
CA GLY A 636 -5.19 -4.85 -28.71
C GLY A 636 -4.03 -5.41 -29.46
N PRO A 637 -2.90 -4.73 -29.44
CA PRO A 637 -1.65 -5.24 -30.08
C PRO A 637 -1.26 -6.65 -29.60
N MET A 638 -1.67 -7.00 -28.37
CA MET A 638 -1.47 -8.34 -27.83
C MET A 638 -2.21 -9.33 -28.70
N ARG A 639 -3.49 -9.02 -28.94
CA ARG A 639 -4.30 -9.84 -29.77
C ARG A 639 -3.66 -9.98 -31.16
N ASP A 640 -3.11 -8.89 -31.68
CA ASP A 640 -2.46 -8.94 -32.99
C ASP A 640 -1.35 -9.98 -33.01
N LEU A 641 -0.46 -9.84 -32.03
CA LEU A 641 0.70 -10.70 -31.81
C LEU A 641 0.31 -12.18 -31.63
N LEU A 642 -0.69 -12.44 -30.76
CA LEU A 642 -1.20 -13.79 -30.58
C LEU A 642 -1.61 -14.41 -31.89
N ARG A 643 -2.26 -13.61 -32.75
CA ARG A 643 -2.74 -14.07 -34.05
C ARG A 643 -1.57 -14.40 -34.96
N ARG A 644 -0.59 -13.50 -34.96
CA ARG A 644 0.63 -13.62 -35.73
C ARG A 644 1.49 -14.83 -35.26
N MET A 645 1.34 -15.21 -34.01
CA MET A 645 2.13 -16.24 -33.41
C MET A 645 1.52 -17.65 -33.46
N GLN A 646 0.21 -17.79 -33.60
CA GLN A 646 -0.45 -19.10 -33.51
C GLN A 646 0.10 -20.00 -32.40
N PRO A 647 -0.12 -19.63 -31.11
CA PRO A 647 0.42 -20.40 -29.98
C PRO A 647 -0.07 -21.79 -30.03
N THR A 648 0.74 -22.72 -29.51
CA THR A 648 0.42 -24.14 -29.61
C THR A 648 0.74 -24.88 -28.31
N GLY A 649 1.51 -24.28 -27.39
CA GLY A 649 1.84 -25.01 -26.14
C GLY A 649 1.95 -24.07 -24.98
N PHE A 650 2.01 -24.62 -23.77
CA PHE A 650 2.07 -23.75 -22.64
C PHE A 650 3.21 -22.72 -22.64
N GLU A 651 4.34 -23.08 -23.23
CA GLU A 651 5.58 -22.29 -23.15
C GLU A 651 5.40 -21.05 -23.96
N ASP A 652 4.53 -21.11 -24.97
CA ASP A 652 4.18 -19.96 -25.79
C ASP A 652 3.37 -18.96 -25.01
N VAL A 653 2.54 -19.42 -24.07
CA VAL A 653 1.77 -18.52 -23.21
C VAL A 653 2.77 -17.79 -22.32
N VAL A 654 3.71 -18.54 -21.73
CA VAL A 654 4.73 -18.01 -20.85
C VAL A 654 5.60 -16.96 -21.59
N ALA A 655 5.98 -17.22 -22.83
CA ALA A 655 6.71 -16.27 -23.67
C ALA A 655 5.95 -15.01 -23.98
N VAL A 656 4.70 -15.10 -24.50
CA VAL A 656 4.02 -13.84 -24.86
C VAL A 656 3.95 -12.89 -23.69
N ILE A 657 3.92 -13.42 -22.48
CA ILE A 657 3.71 -12.57 -21.36
C ILE A 657 4.98 -11.79 -21.21
N ALA A 658 6.13 -12.44 -21.44
CA ALA A 658 7.41 -11.79 -21.32
C ALA A 658 7.71 -10.89 -22.52
N LEU A 659 7.32 -11.35 -23.70
CA LEU A 659 7.61 -10.66 -24.93
C LEU A 659 6.78 -9.39 -25.15
N TYR A 660 5.55 -9.39 -24.62
CA TYR A 660 4.62 -8.24 -24.70
C TYR A 660 4.92 -7.22 -23.61
N ARG A 661 6.15 -6.68 -23.69
CA ARG A 661 6.67 -5.66 -22.77
CA ARG A 661 6.64 -5.65 -22.76
C ARG A 661 7.56 -4.62 -23.54
N PRO A 662 7.79 -3.41 -22.94
CA PRO A 662 8.48 -2.46 -23.86
C PRO A 662 9.89 -2.86 -24.35
N GLY A 663 10.75 -3.37 -23.45
CA GLY A 663 12.08 -3.87 -23.81
C GLY A 663 12.04 -4.83 -25.01
N PRO A 664 11.45 -6.02 -24.85
CA PRO A 664 11.54 -6.95 -25.98
C PRO A 664 10.90 -6.38 -27.25
N MET A 665 9.86 -5.56 -27.07
CA MET A 665 9.13 -5.01 -28.25
C MET A 665 10.05 -4.05 -28.96
N GLY A 666 10.65 -3.14 -28.20
CA GLY A 666 11.74 -2.28 -28.74
C GLY A 666 12.72 -3.04 -29.64
N MET A 667 12.98 -4.30 -29.35
CA MET A 667 13.93 -5.09 -30.13
C MET A 667 13.28 -5.93 -31.18
N ASN A 668 11.96 -5.87 -31.25
CA ASN A 668 11.17 -6.69 -32.16
C ASN A 668 11.18 -8.16 -31.82
N ALA A 669 11.47 -8.45 -30.55
CA ALA A 669 11.68 -9.81 -30.12
C ALA A 669 10.38 -10.62 -30.27
N HIS A 670 9.26 -9.96 -30.01
CA HIS A 670 7.96 -10.60 -30.02
C HIS A 670 7.56 -10.99 -31.39
N ASN A 671 7.63 -10.07 -32.34
CA ASN A 671 7.38 -10.47 -33.72
C ASN A 671 8.32 -11.52 -34.24
N ASP A 672 9.61 -11.31 -33.97
CA ASP A 672 10.65 -12.26 -34.33
C ASP A 672 10.36 -13.66 -33.82
N TYR A 673 10.08 -13.78 -32.51
CA TYR A 673 9.65 -15.02 -31.90
C TYR A 673 8.52 -15.64 -32.70
N ALA A 674 7.49 -14.84 -32.94
CA ALA A 674 6.31 -15.32 -33.66
C ALA A 674 6.68 -15.94 -35.01
N ASP A 675 7.32 -15.10 -35.84
CA ASP A 675 7.79 -15.44 -37.18
C ASP A 675 8.68 -16.68 -37.18
N ARG A 676 9.72 -16.68 -36.35
CA ARG A 676 10.60 -17.84 -36.28
C ARG A 676 9.83 -19.10 -35.96
N LYS A 677 8.90 -19.03 -35.01
CA LYS A 677 8.13 -20.19 -34.63
C LYS A 677 7.35 -20.81 -35.82
N ASN A 678 6.87 -19.94 -36.71
CA ASN A 678 6.09 -20.36 -37.85
C ASN A 678 6.91 -20.37 -39.15
N ASN A 679 8.16 -20.85 -39.08
CA ASN A 679 9.08 -20.94 -40.24
C ASN A 679 9.09 -19.73 -41.19
N ARG A 680 8.99 -18.49 -40.72
CA ARG A 680 8.92 -17.32 -41.60
C ARG A 680 10.22 -16.49 -41.48
N GLN A 681 11.23 -17.06 -40.81
CA GLN A 681 12.43 -16.32 -40.40
C GLN A 681 13.38 -17.32 -39.88
N ALA A 682 14.66 -17.12 -40.20
CA ALA A 682 15.71 -18.04 -39.78
C ALA A 682 16.11 -17.68 -38.34
N ILE A 683 16.53 -18.68 -37.57
CA ILE A 683 16.97 -18.38 -36.20
C ILE A 683 18.44 -17.89 -36.25
N LYS A 684 18.71 -16.61 -35.98
CA LYS A 684 20.11 -16.07 -36.02
C LYS A 684 20.90 -16.56 -34.76
N PRO A 685 22.17 -16.96 -34.93
CA PRO A 685 22.94 -17.31 -33.72
C PRO A 685 23.53 -16.06 -33.09
N ILE A 686 23.86 -16.05 -31.81
CA ILE A 686 24.37 -14.78 -31.23
C ILE A 686 25.70 -14.42 -31.93
N HIS A 687 26.40 -15.47 -32.29
CA HIS A 687 27.68 -15.51 -32.95
C HIS A 687 27.89 -17.00 -33.35
N PRO A 688 28.62 -17.25 -34.46
CA PRO A 688 28.78 -18.64 -34.93
C PRO A 688 29.45 -19.60 -33.98
N GLU A 689 30.39 -19.08 -33.20
CA GLU A 689 31.06 -19.92 -32.24
C GLU A 689 30.10 -20.22 -31.15
N LEU A 690 29.09 -19.36 -31.03
CA LEU A 690 28.16 -19.46 -29.93
C LEU A 690 26.97 -20.34 -30.27
N GLU A 691 26.70 -20.52 -31.57
CA GLU A 691 25.56 -21.30 -32.04
C GLU A 691 25.32 -22.59 -31.32
N GLU A 692 26.23 -23.54 -31.45
CA GLU A 692 25.99 -24.84 -30.84
C GLU A 692 25.99 -24.83 -29.30
N PRO A 693 26.97 -24.17 -28.63
CA PRO A 693 26.89 -24.24 -27.14
C PRO A 693 25.60 -23.68 -26.49
N LEU A 694 25.03 -22.62 -27.08
CA LEU A 694 23.82 -22.02 -26.56
C LEU A 694 22.49 -22.53 -27.17
N ARG A 695 22.55 -23.40 -28.18
CA ARG A 695 21.38 -23.82 -28.96
C ARG A 695 20.24 -24.34 -28.11
N GLU A 696 20.53 -25.26 -27.21
CA GLU A 696 19.48 -25.83 -26.42
C GLU A 696 18.96 -24.87 -25.37
N ILE A 697 19.83 -24.09 -24.74
CA ILE A 697 19.37 -23.05 -23.80
C ILE A 697 18.37 -22.05 -24.42
N LEU A 698 18.55 -21.72 -25.68
CA LEU A 698 17.72 -20.72 -26.31
C LEU A 698 16.70 -21.32 -27.27
N ALA A 699 16.56 -22.64 -27.24
CA ALA A 699 15.77 -23.32 -28.27
C ALA A 699 14.29 -23.01 -28.17
N GLU A 700 13.78 -23.16 -26.94
CA GLU A 700 12.40 -22.92 -26.58
C GLU A 700 11.93 -21.53 -26.89
N THR A 701 12.84 -20.58 -26.92
CA THR A 701 12.48 -19.24 -27.29
C THR A 701 13.00 -18.89 -28.65
N TYR A 702 13.13 -19.92 -29.50
CA TYR A 702 13.45 -19.72 -30.94
C TYR A 702 14.73 -18.87 -31.15
N GLY A 703 15.74 -19.19 -30.33
CA GLY A 703 17.03 -18.55 -30.38
C GLY A 703 17.11 -17.16 -29.79
N LEU A 704 16.08 -16.59 -29.20
CA LEU A 704 16.21 -15.28 -28.61
C LEU A 704 16.38 -15.39 -27.14
N ILE A 705 17.02 -14.42 -26.50
CA ILE A 705 17.12 -14.48 -25.05
C ILE A 705 15.91 -13.77 -24.52
N VAL A 706 15.09 -14.43 -23.68
CA VAL A 706 13.86 -13.82 -23.19
C VAL A 706 13.85 -13.69 -21.68
N TYR A 707 14.44 -14.67 -20.99
CA TYR A 707 14.37 -14.71 -19.53
C TYR A 707 15.68 -14.54 -18.79
N GLN A 708 15.60 -13.99 -17.58
CA GLN A 708 16.66 -13.96 -16.63
C GLN A 708 17.35 -15.30 -16.48
N GLU A 709 16.57 -16.34 -16.21
CA GLU A 709 17.08 -17.70 -16.11
C GLU A 709 17.96 -18.12 -17.32
N GLN A 710 17.71 -17.59 -18.51
CA GLN A 710 18.58 -17.91 -19.61
C GLN A 710 19.96 -17.20 -19.47
N ILE A 711 19.98 -15.94 -19.04
CA ILE A 711 21.24 -15.28 -18.74
C ILE A 711 22.04 -16.18 -17.80
N MET A 712 21.41 -16.71 -16.74
CA MET A 712 22.08 -17.58 -15.81
C MET A 712 22.62 -18.88 -16.43
N ARG A 713 21.80 -19.51 -17.25
CA ARG A 713 22.13 -20.79 -17.85
C ARG A 713 23.28 -20.56 -18.78
N ILE A 714 23.24 -19.43 -19.49
CA ILE A 714 24.24 -19.06 -20.45
C ILE A 714 25.56 -18.88 -19.74
N ALA A 715 25.60 -18.05 -18.70
CA ALA A 715 26.85 -17.86 -17.95
C ALA A 715 27.41 -19.13 -17.36
N GLN A 716 26.56 -20.08 -17.04
CA GLN A 716 27.03 -21.33 -16.45
C GLN A 716 27.66 -22.19 -17.51
N LYS A 717 27.00 -22.34 -18.67
CA LYS A 717 27.51 -23.17 -19.76
C LYS A 717 28.83 -22.65 -20.35
N VAL A 718 28.86 -21.39 -20.70
CA VAL A 718 29.86 -20.87 -21.56
C VAL A 718 30.98 -20.29 -20.70
N ALA A 719 30.66 -19.77 -19.53
CA ALA A 719 31.69 -19.11 -18.72
C ALA A 719 32.03 -19.87 -17.47
N SER A 720 31.52 -21.11 -17.32
CA SER A 720 31.80 -21.90 -16.10
C SER A 720 31.45 -21.14 -14.82
N TYR A 721 30.21 -20.68 -14.71
CA TYR A 721 29.77 -19.98 -13.52
C TYR A 721 28.88 -20.90 -12.74
N SER A 722 28.90 -20.67 -11.42
CA SER A 722 27.95 -21.23 -10.49
C SER A 722 26.64 -20.65 -10.91
N LEU A 723 25.55 -21.37 -10.70
CA LEU A 723 24.23 -20.74 -10.89
C LEU A 723 24.02 -19.59 -9.92
N ALA A 724 24.53 -19.77 -8.71
CA ALA A 724 24.54 -18.71 -7.72
C ALA A 724 25.30 -17.49 -8.20
N ARG A 725 26.44 -17.70 -8.85
CA ARG A 725 27.28 -16.58 -9.21
C ARG A 725 26.77 -16.00 -10.50
N ALA A 726 26.01 -16.78 -11.26
CA ALA A 726 25.40 -16.27 -12.48
C ALA A 726 24.22 -15.41 -12.08
N ASP A 727 23.55 -15.78 -10.98
CA ASP A 727 22.49 -14.93 -10.46
C ASP A 727 23.07 -13.57 -10.13
N ILE A 728 24.22 -13.57 -9.43
CA ILE A 728 24.85 -12.34 -9.03
C ILE A 728 25.32 -11.49 -10.21
N LEU A 729 25.82 -12.17 -11.26
CA LEU A 729 26.16 -11.49 -12.51
C LEU A 729 24.91 -10.78 -13.11
N ARG A 730 23.82 -11.55 -13.23
CA ARG A 730 22.54 -11.06 -13.75
C ARG A 730 22.06 -9.82 -12.98
N LYS A 731 22.11 -9.85 -11.64
CA LYS A 731 21.63 -8.70 -10.90
C LYS A 731 22.49 -7.48 -11.32
N ALA A 732 23.79 -7.70 -11.36
CA ALA A 732 24.74 -6.66 -11.63
C ALA A 732 24.68 -6.11 -13.04
N MET A 733 24.44 -6.94 -14.03
CA MET A 733 24.39 -6.43 -15.39
C MET A 733 23.11 -5.62 -15.54
N GLY A 734 22.22 -5.81 -14.56
CA GLY A 734 20.98 -5.06 -14.47
C GLY A 734 21.18 -3.65 -13.94
N LYS A 735 21.95 -3.51 -12.85
CA LYS A 735 22.22 -2.22 -12.18
C LYS A 735 23.17 -1.26 -12.92
N LYS A 736 24.18 -1.81 -13.63
CA LYS A 736 25.12 -1.04 -14.46
C LYS A 736 25.99 -0.02 -13.68
N LYS A 737 26.68 -0.47 -12.63
CA LYS A 737 27.69 0.37 -12.00
C LYS A 737 29.08 0.04 -12.55
N ARG A 738 29.69 0.97 -13.28
CA ARG A 738 30.99 0.83 -13.98
C ARG A 738 31.98 -0.05 -13.24
N GLU A 739 32.28 0.33 -11.98
CA GLU A 739 33.20 -0.44 -11.11
C GLU A 739 32.85 -1.92 -11.07
N VAL A 740 31.55 -2.24 -10.95
CA VAL A 740 31.09 -3.66 -10.87
C VAL A 740 31.01 -4.38 -12.24
N LEU A 741 30.58 -3.65 -13.29
CA LEU A 741 30.56 -4.18 -14.68
C LEU A 741 31.92 -4.64 -15.10
N GLU A 742 32.94 -3.85 -14.80
CA GLU A 742 34.30 -4.21 -15.15
C GLU A 742 34.88 -5.38 -14.38
N LYS A 743 34.76 -5.43 -13.05
CA LYS A 743 35.11 -6.67 -12.29
C LYS A 743 34.41 -7.90 -12.91
N GLU A 744 33.14 -7.72 -13.24
CA GLU A 744 32.32 -8.82 -13.71
C GLU A 744 32.59 -9.25 -15.14
N PHE A 745 32.89 -8.28 -16.02
CA PHE A 745 33.31 -8.57 -17.37
C PHE A 745 34.62 -9.35 -17.32
N GLU A 746 35.56 -8.86 -16.50
CA GLU A 746 36.81 -9.56 -16.16
C GLU A 746 36.44 -11.03 -15.98
N GLY A 747 35.59 -11.31 -14.98
CA GLY A 747 35.25 -12.71 -14.68
C GLY A 747 34.61 -13.48 -15.83
N PHE A 748 33.69 -12.80 -16.53
CA PHE A 748 32.89 -13.40 -17.56
C PHE A 748 33.83 -13.78 -18.67
N SER A 749 34.61 -12.79 -19.09
CA SER A 749 35.58 -12.97 -20.15
C SER A 749 36.59 -14.06 -19.81
N ASP A 750 37.15 -14.03 -18.60
CA ASP A 750 38.12 -15.04 -18.21
C ASP A 750 37.55 -16.42 -18.30
N GLY A 751 36.32 -16.58 -17.82
CA GLY A 751 35.69 -17.84 -17.89
C GLY A 751 35.52 -18.33 -19.32
N MET A 752 35.25 -17.40 -20.23
CA MET A 752 34.96 -17.83 -21.58
C MET A 752 36.25 -18.18 -22.32
N GLN A 753 37.31 -17.41 -22.00
CA GLN A 753 38.69 -17.63 -22.49
C GLN A 753 39.06 -19.01 -22.15
N ALA A 754 39.06 -19.28 -20.82
CA ALA A 754 39.24 -20.62 -20.28
C ALA A 754 38.46 -21.67 -21.11
N ASN A 755 37.25 -21.37 -21.56
CA ASN A 755 36.48 -22.39 -22.31
C ASN A 755 36.71 -22.36 -23.80
N GLY A 756 37.58 -21.45 -24.26
CA GLY A 756 38.06 -21.46 -25.65
C GLY A 756 37.32 -20.61 -26.65
N PHE A 757 36.80 -19.49 -26.20
CA PHE A 757 35.99 -18.69 -27.09
C PHE A 757 36.85 -17.51 -27.50
N SER A 758 36.76 -17.15 -28.79
CA SER A 758 37.47 -15.94 -29.27
C SER A 758 37.05 -14.62 -28.64
N PRO A 759 37.93 -13.63 -28.64
CA PRO A 759 37.45 -12.33 -28.19
C PRO A 759 36.21 -11.80 -28.92
N ALA A 760 35.91 -12.29 -30.11
CA ALA A 760 34.69 -11.88 -30.86
C ALA A 760 33.40 -12.46 -30.27
N ALA A 761 33.42 -13.76 -29.97
CA ALA A 761 32.32 -14.46 -29.33
C ALA A 761 32.01 -13.84 -27.94
N ILE A 762 33.03 -13.59 -27.14
CA ILE A 762 32.85 -12.97 -25.86
C ILE A 762 32.20 -11.61 -26.06
N LYS A 763 32.63 -10.89 -27.07
CA LYS A 763 32.14 -9.54 -27.20
C LYS A 763 30.69 -9.57 -27.72
N ALA A 764 30.39 -10.44 -28.68
CA ALA A 764 28.99 -10.63 -29.08
C ALA A 764 28.07 -10.91 -27.86
N LEU A 765 28.38 -11.94 -27.09
CA LEU A 765 27.55 -12.33 -25.99
C LEU A 765 27.37 -11.18 -25.06
N TRP A 766 28.48 -10.62 -24.58
CA TRP A 766 28.42 -9.55 -23.60
C TRP A 766 27.54 -8.44 -24.13
N ASP A 767 27.88 -7.93 -25.31
CA ASP A 767 27.08 -6.89 -25.98
C ASP A 767 25.57 -7.19 -26.14
N THR A 768 25.21 -8.46 -26.39
CA THR A 768 23.82 -8.87 -26.42
C THR A 768 23.18 -8.83 -25.04
N ILE A 769 23.77 -9.53 -24.09
CA ILE A 769 23.25 -9.59 -22.75
C ILE A 769 23.15 -8.23 -22.02
N LEU A 770 24.14 -7.38 -22.18
CA LEU A 770 24.20 -6.17 -21.36
C LEU A 770 22.95 -5.27 -21.43
N PRO A 771 22.47 -4.92 -22.66
CA PRO A 771 21.25 -4.12 -22.65
C PRO A 771 20.04 -4.94 -22.27
N PHE A 772 19.94 -6.16 -22.82
CA PHE A 772 18.88 -7.08 -22.48
C PHE A 772 18.69 -7.31 -20.97
N ALA A 773 19.70 -7.09 -20.17
CA ALA A 773 19.53 -7.45 -18.79
C ALA A 773 18.86 -6.37 -17.98
N ASP A 774 18.53 -5.24 -18.61
CA ASP A 774 17.82 -4.11 -17.95
C ASP A 774 16.41 -4.51 -17.81
N TYR A 775 15.97 -5.24 -18.83
CA TYR A 775 14.60 -5.56 -18.92
C TYR A 775 14.24 -7.05 -18.93
N ALA A 776 15.20 -7.97 -18.97
CA ALA A 776 14.93 -9.43 -19.02
C ALA A 776 13.87 -9.86 -18.00
N PHE A 777 13.07 -10.87 -18.33
CA PHE A 777 11.90 -11.21 -17.55
C PHE A 777 12.10 -12.43 -16.66
N ASN A 778 11.62 -12.34 -15.44
CA ASN A 778 11.76 -13.41 -14.49
C ASN A 778 10.88 -14.55 -14.95
N LYS A 779 11.47 -15.62 -15.47
CA LYS A 779 10.62 -16.72 -15.97
C LYS A 779 9.62 -17.36 -14.99
N SER A 780 9.95 -17.39 -13.72
CA SER A 780 9.02 -17.84 -12.69
C SER A 780 7.80 -16.99 -12.57
N HIS A 781 7.91 -15.72 -12.88
N HIS A 781 7.91 -15.69 -12.84
CA HIS A 781 6.75 -14.95 -12.72
CA HIS A 781 6.74 -14.86 -12.70
C HIS A 781 5.90 -15.19 -13.94
C HIS A 781 5.89 -15.20 -13.93
N ALA A 782 6.55 -15.31 -15.09
CA ALA A 782 5.82 -15.58 -16.28
C ALA A 782 5.09 -16.93 -16.24
N ALA A 783 5.59 -17.92 -15.52
CA ALA A 783 4.90 -19.20 -15.47
C ALA A 783 3.63 -19.08 -14.65
N GLY A 784 3.73 -18.42 -13.50
CA GLY A 784 2.59 -18.14 -12.60
C GLY A 784 1.46 -17.34 -13.27
N TYR A 785 1.81 -16.26 -13.96
CA TYR A 785 0.85 -15.52 -14.67
C TYR A 785 0.37 -16.38 -15.80
N GLY A 786 1.32 -16.98 -16.51
CA GLY A 786 1.01 -17.80 -17.68
C GLY A 786 -0.04 -18.84 -17.35
N MET A 787 0.12 -19.53 -16.21
CA MET A 787 -0.84 -20.50 -15.74
C MET A 787 -2.26 -19.91 -15.67
N VAL A 788 -2.39 -18.77 -14.96
CA VAL A 788 -3.66 -18.07 -14.88
C VAL A 788 -4.21 -17.62 -16.25
N SER A 789 -3.35 -17.15 -17.12
CA SER A 789 -3.86 -16.86 -18.44
C SER A 789 -4.43 -18.07 -19.10
N TYR A 790 -3.65 -19.14 -19.13
CA TYR A 790 -4.07 -20.32 -19.81
C TYR A 790 -5.37 -20.78 -19.17
N TRP A 791 -5.41 -20.97 -17.86
CA TRP A 791 -6.64 -21.40 -17.20
C TRP A 791 -7.85 -20.57 -17.62
N THR A 792 -7.62 -19.27 -17.68
CA THR A 792 -8.63 -18.29 -18.02
C THR A 792 -9.08 -18.49 -19.45
N ALA A 793 -8.14 -18.64 -20.38
CA ALA A 793 -8.49 -18.95 -21.79
C ALA A 793 -9.23 -20.31 -21.90
N TYR A 794 -8.78 -21.28 -21.13
CA TYR A 794 -9.38 -22.57 -21.16
C TYR A 794 -10.87 -22.47 -20.84
N LEU A 795 -11.23 -21.72 -19.79
CA LEU A 795 -12.62 -21.49 -19.42
C LEU A 795 -13.35 -20.77 -20.51
N LYS A 796 -12.87 -19.64 -21.02
CA LYS A 796 -13.56 -18.99 -22.13
C LYS A 796 -13.76 -19.91 -23.33
N ALA A 797 -12.75 -20.73 -23.64
CA ALA A 797 -12.83 -21.55 -24.84
C ALA A 797 -13.79 -22.69 -24.67
N ASN A 798 -13.75 -23.36 -23.53
CA ASN A 798 -14.57 -24.53 -23.26
C ASN A 798 -15.89 -24.29 -22.47
N TYR A 799 -16.17 -23.07 -22.04
CA TYR A 799 -17.31 -22.78 -21.16
C TYR A 799 -17.70 -21.33 -21.35
N PRO A 800 -17.95 -20.94 -22.62
CA PRO A 800 -18.09 -19.52 -22.93
C PRO A 800 -19.06 -18.81 -22.01
N ALA A 801 -20.29 -19.32 -21.91
CA ALA A 801 -21.33 -18.66 -21.17
C ALA A 801 -20.95 -18.63 -19.67
N GLU A 802 -20.50 -19.74 -19.10
CA GLU A 802 -20.09 -19.78 -17.70
C GLU A 802 -19.02 -18.71 -17.43
N TYR A 803 -18.01 -18.63 -18.29
CA TYR A 803 -16.95 -17.68 -18.08
C TYR A 803 -17.36 -16.22 -18.28
N MET A 804 -17.92 -15.90 -19.44
CA MET A 804 -18.46 -14.55 -19.66
C MET A 804 -19.39 -14.05 -18.53
N ALA A 805 -20.29 -14.90 -18.07
CA ALA A 805 -21.05 -14.64 -16.83
C ALA A 805 -20.22 -14.21 -15.63
N GLY A 806 -19.09 -14.88 -15.39
CA GLY A 806 -18.17 -14.54 -14.29
C GLY A 806 -17.54 -13.16 -14.47
N LEU A 807 -17.19 -12.92 -15.73
CA LEU A 807 -16.58 -11.72 -16.15
C LEU A 807 -17.54 -10.53 -15.92
N LEU A 808 -18.76 -10.65 -16.42
CA LEU A 808 -19.70 -9.57 -16.33
C LEU A 808 -20.04 -9.32 -14.88
N THR A 809 -20.13 -10.38 -14.08
CA THR A 809 -20.37 -10.20 -12.68
C THR A 809 -19.34 -9.25 -12.10
N SER A 810 -18.09 -9.29 -12.58
CA SER A 810 -17.02 -8.59 -11.89
C SER A 810 -17.03 -7.13 -12.26
N VAL A 811 -17.79 -6.75 -13.25
CA VAL A 811 -17.80 -5.41 -13.78
C VAL A 811 -18.83 -4.57 -13.00
N GLY A 812 -19.44 -5.15 -11.95
CA GLY A 812 -20.35 -4.42 -11.07
C GLY A 812 -21.56 -3.87 -11.79
N ASP A 813 -21.96 -2.65 -11.44
CA ASP A 813 -23.08 -1.95 -12.13
C ASP A 813 -22.63 -0.86 -13.11
N ASP A 814 -21.37 -0.92 -13.49
CA ASP A 814 -20.77 -0.01 -14.46
C ASP A 814 -21.19 -0.42 -15.89
N LYS A 815 -22.03 0.37 -16.55
CA LYS A 815 -22.59 0.07 -17.90
C LYS A 815 -21.50 0.11 -18.98
N ASP A 816 -20.43 0.86 -18.71
CA ASP A 816 -19.46 1.15 -19.73
C ASP A 816 -18.54 0.01 -19.94
N LYS A 817 -18.08 -0.53 -18.83
CA LYS A 817 -17.19 -1.69 -18.84
C LYS A 817 -17.95 -2.91 -19.35
N ALA A 818 -19.16 -3.11 -18.83
CA ALA A 818 -20.08 -4.12 -19.31
C ALA A 818 -20.30 -4.14 -20.83
N ALA A 819 -20.42 -2.95 -21.43
CA ALA A 819 -20.76 -2.84 -22.86
C ALA A 819 -19.65 -3.45 -23.73
N VAL A 820 -18.50 -3.65 -23.09
CA VAL A 820 -17.31 -4.12 -23.76
C VAL A 820 -17.38 -5.62 -23.89
N TYR A 821 -17.88 -6.24 -22.85
CA TYR A 821 -18.04 -7.67 -22.80
C TYR A 821 -19.35 -8.12 -23.40
N LEU A 822 -20.36 -7.28 -23.34
CA LEU A 822 -21.62 -7.63 -23.90
C LEU A 822 -21.43 -7.72 -25.37
N ALA A 823 -20.57 -6.83 -25.88
CA ALA A 823 -20.22 -6.85 -27.30
C ALA A 823 -19.52 -8.16 -27.70
N ASP A 824 -18.71 -8.65 -26.77
CA ASP A 824 -17.99 -9.88 -26.96
C ASP A 824 -18.97 -11.04 -26.97
N CYS A 825 -19.96 -10.95 -26.08
CA CYS A 825 -20.93 -12.02 -25.94
C CYS A 825 -21.66 -12.19 -27.25
N ARG A 826 -22.01 -11.04 -27.81
CA ARG A 826 -22.72 -10.95 -29.06
C ARG A 826 -21.86 -11.50 -30.17
N LYS A 827 -20.56 -11.21 -30.13
CA LYS A 827 -19.71 -11.73 -31.20
C LYS A 827 -19.47 -13.24 -31.11
N LEU A 828 -19.83 -13.83 -29.97
CA LEU A 828 -19.65 -15.27 -29.77
C LEU A 828 -21.00 -16.00 -29.84
N GLY A 829 -22.06 -15.30 -30.22
CA GLY A 829 -23.38 -15.94 -30.28
C GLY A 829 -24.02 -16.30 -28.94
N ILE A 830 -23.52 -15.72 -27.86
CA ILE A 830 -24.17 -15.92 -26.56
C ILE A 830 -25.27 -14.89 -26.39
N THR A 831 -26.49 -15.38 -26.15
CA THR A 831 -27.64 -14.48 -25.89
C THR A 831 -27.65 -13.91 -24.48
N VAL A 832 -27.83 -12.60 -24.37
CA VAL A 832 -27.86 -12.03 -23.02
C VAL A 832 -29.27 -11.61 -22.63
N LEU A 833 -29.87 -12.34 -21.71
CA LEU A 833 -31.22 -12.06 -21.23
C LEU A 833 -31.17 -10.94 -20.15
N PRO A 834 -32.25 -10.10 -20.05
CA PRO A 834 -32.27 -8.87 -19.22
C PRO A 834 -32.45 -9.09 -17.73
N PRO A 835 -32.22 -8.02 -16.95
CA PRO A 835 -32.46 -8.27 -15.52
C PRO A 835 -33.94 -8.53 -15.32
N ASP A 836 -34.25 -9.52 -14.49
CA ASP A 836 -35.60 -9.93 -14.19
C ASP A 836 -35.82 -10.37 -12.74
N VAL A 837 -36.86 -9.84 -12.10
CA VAL A 837 -37.22 -10.19 -10.74
C VAL A 837 -37.44 -11.69 -10.52
N ASN A 838 -37.78 -12.42 -11.55
CA ASN A 838 -38.11 -13.83 -11.29
C ASN A 838 -37.02 -14.76 -11.74
N GLU A 839 -36.22 -14.34 -12.70
CA GLU A 839 -35.21 -15.22 -13.27
C GLU A 839 -33.75 -14.84 -12.92
N SER A 840 -33.45 -13.55 -12.66
CA SER A 840 -32.12 -13.04 -12.30
C SER A 840 -31.83 -13.36 -10.88
N GLY A 841 -30.55 -13.58 -10.57
CA GLY A 841 -30.07 -13.75 -9.20
C GLY A 841 -29.24 -12.51 -8.94
N LEU A 842 -28.41 -12.56 -7.88
CA LEU A 842 -27.52 -11.42 -7.63
C LEU A 842 -26.50 -11.11 -8.78
N ASN A 843 -25.74 -12.15 -9.15
CA ASN A 843 -24.73 -12.05 -10.22
C ASN A 843 -25.27 -12.52 -11.57
N PHE A 844 -24.54 -12.30 -12.64
CA PHE A 844 -24.96 -12.85 -13.91
C PHE A 844 -24.89 -14.39 -13.82
N ALA A 845 -25.80 -15.08 -14.49
CA ALA A 845 -25.82 -16.54 -14.42
C ALA A 845 -25.71 -17.12 -15.82
N SER A 846 -25.13 -18.31 -15.90
CA SER A 846 -25.16 -19.18 -17.08
C SER A 846 -26.46 -19.92 -17.10
N VAL A 847 -27.33 -19.70 -18.07
CA VAL A 847 -28.58 -20.50 -18.06
C VAL A 847 -28.70 -21.17 -19.38
N GLY A 848 -28.24 -22.44 -19.37
CA GLY A 848 -28.15 -23.26 -20.54
C GLY A 848 -27.09 -22.67 -21.44
N GLN A 849 -27.50 -22.01 -22.49
CA GLN A 849 -26.54 -21.49 -23.44
C GLN A 849 -26.57 -19.99 -23.30
N ASP A 850 -27.28 -19.48 -22.29
CA ASP A 850 -27.40 -18.03 -22.18
C ASP A 850 -26.81 -17.46 -20.92
N ILE A 851 -26.59 -16.14 -20.98
CA ILE A 851 -26.25 -15.38 -19.79
C ILE A 851 -27.52 -14.64 -19.37
N ARG A 852 -27.84 -14.72 -18.08
CA ARG A 852 -28.95 -14.01 -17.48
C ARG A 852 -28.39 -12.91 -16.59
N TYR A 853 -28.71 -11.67 -16.93
CA TYR A 853 -28.28 -10.52 -16.17
C TYR A 853 -28.37 -10.65 -14.64
N GLY A 854 -27.38 -10.06 -13.99
CA GLY A 854 -27.34 -10.06 -12.54
C GLY A 854 -28.21 -8.93 -12.03
N LEU A 855 -28.85 -9.19 -10.90
CA LEU A 855 -29.68 -8.17 -10.32
C LEU A 855 -28.87 -7.05 -9.70
N GLY A 856 -27.74 -7.42 -9.06
CA GLY A 856 -26.82 -6.48 -8.43
C GLY A 856 -26.10 -5.64 -9.48
N ALA A 857 -26.17 -6.06 -10.73
CA ALA A 857 -25.65 -5.27 -11.81
C ALA A 857 -26.46 -4.03 -12.15
N VAL A 858 -27.63 -3.84 -11.53
CA VAL A 858 -28.36 -2.58 -11.77
C VAL A 858 -28.06 -1.62 -10.64
N ARG A 859 -28.21 -0.35 -11.02
CA ARG A 859 -28.00 0.79 -10.13
C ARG A 859 -28.82 0.64 -8.82
N ASN A 860 -28.30 1.14 -7.72
CA ASN A 860 -28.99 1.11 -6.42
C ASN A 860 -29.32 -0.26 -5.79
N VAL A 861 -28.89 -1.34 -6.43
CA VAL A 861 -29.19 -2.69 -5.92
C VAL A 861 -27.91 -3.40 -5.47
N GLY A 862 -27.87 -3.87 -4.23
CA GLY A 862 -26.67 -4.56 -3.71
C GLY A 862 -26.97 -5.89 -3.03
N ALA A 863 -25.95 -6.72 -2.82
CA ALA A 863 -26.18 -8.07 -2.21
C ALA A 863 -27.08 -7.97 -1.03
N ASN A 864 -26.88 -6.91 -0.24
CA ASN A 864 -27.66 -6.65 0.97
C ASN A 864 -29.19 -6.93 0.68
N VAL A 865 -29.79 -6.13 -0.21
CA VAL A 865 -31.22 -6.16 -0.56
C VAL A 865 -31.62 -7.32 -1.47
N VAL A 866 -30.81 -7.58 -2.49
CA VAL A 866 -31.09 -8.68 -3.41
C VAL A 866 -31.23 -9.96 -2.60
N GLY A 867 -30.42 -10.06 -1.55
CA GLY A 867 -30.42 -11.20 -0.65
C GLY A 867 -31.84 -11.45 -0.17
N SER A 868 -32.52 -10.41 0.33
CA SER A 868 -33.89 -10.58 0.96
C SER A 868 -34.96 -10.82 -0.08
N LEU A 869 -34.74 -10.25 -1.26
CA LEU A 869 -35.64 -10.45 -2.39
C LEU A 869 -35.61 -11.95 -2.73
N LEU A 870 -34.43 -12.46 -3.08
CA LEU A 870 -34.30 -13.89 -3.39
C LEU A 870 -34.79 -14.72 -2.24
N GLN A 871 -34.53 -14.24 -1.03
CA GLN A 871 -35.01 -14.87 0.19
C GLN A 871 -36.52 -15.10 0.06
N THR A 872 -37.25 -14.02 -0.19
CA THR A 872 -38.69 -14.07 -0.11
C THR A 872 -39.25 -14.76 -1.39
N ARG A 873 -38.57 -14.56 -2.52
CA ARG A 873 -38.89 -15.26 -3.78
C ARG A 873 -38.77 -16.79 -3.64
N ASN A 874 -37.89 -17.25 -2.74
CA ASN A 874 -37.84 -18.67 -2.45
C ASN A 874 -38.95 -19.12 -1.56
N ASP A 875 -39.17 -18.42 -0.44
CA ASP A 875 -40.21 -18.81 0.50
C ASP A 875 -41.61 -18.80 -0.12
N LYS A 876 -41.92 -17.75 -0.87
CA LYS A 876 -43.27 -17.59 -1.35
C LYS A 876 -43.40 -17.35 -2.83
N GLY A 877 -42.39 -16.74 -3.47
CA GLY A 877 -42.48 -16.16 -4.85
C GLY A 877 -42.57 -17.35 -5.73
N LYS A 878 -42.53 -17.26 -7.04
CA LYS A 878 -42.24 -16.12 -7.83
C LYS A 878 -43.28 -15.04 -7.75
N PHE A 879 -42.95 -13.86 -8.23
CA PHE A 879 -43.90 -12.78 -8.22
C PHE A 879 -44.78 -12.94 -9.43
N THR A 880 -46.08 -12.88 -9.18
CA THR A 880 -47.18 -13.01 -10.15
C THR A 880 -47.47 -11.75 -10.83
N ASP A 881 -47.40 -10.66 -10.10
CA ASP A 881 -47.70 -9.33 -10.61
C ASP A 881 -47.14 -8.29 -9.66
N PHE A 882 -47.11 -7.05 -10.10
CA PHE A 882 -46.48 -6.02 -9.29
C PHE A 882 -47.02 -5.95 -7.86
N SER A 883 -48.31 -6.22 -7.69
CA SER A 883 -48.85 -5.96 -6.37
C SER A 883 -48.57 -7.16 -5.48
N ASP A 884 -48.47 -8.32 -6.13
CA ASP A 884 -48.01 -9.54 -5.47
C ASP A 884 -46.58 -9.34 -4.89
N TYR A 885 -45.71 -8.70 -5.69
CA TYR A 885 -44.38 -8.34 -5.27
C TYR A 885 -44.42 -7.45 -4.02
N LEU A 886 -45.35 -6.50 -4.02
CA LEU A 886 -45.49 -5.61 -2.87
C LEU A 886 -46.01 -6.36 -1.68
N ASN A 887 -46.94 -7.28 -1.88
CA ASN A 887 -47.45 -8.01 -0.73
C ASN A 887 -46.44 -9.02 -0.19
N LYS A 888 -45.48 -9.42 -1.01
CA LYS A 888 -44.44 -10.36 -0.59
C LYS A 888 -43.24 -9.64 0.02
N ILE A 889 -43.12 -8.33 -0.21
CA ILE A 889 -42.02 -7.54 0.32
C ILE A 889 -42.40 -6.83 1.63
N ASP A 890 -41.55 -5.91 2.09
CA ASP A 890 -41.87 -5.20 3.35
C ASP A 890 -41.77 -3.68 3.30
N ILE A 891 -42.54 -3.09 4.20
CA ILE A 891 -42.65 -1.67 4.42
C ILE A 891 -41.35 -0.96 4.75
N SER A 892 -40.86 -0.11 3.87
CA SER A 892 -39.63 0.63 4.16
C SER A 892 -39.27 1.67 3.10
N ALA A 893 -39.04 2.91 3.52
CA ALA A 893 -38.65 3.94 2.57
C ALA A 893 -37.45 3.50 1.74
N CYS A 894 -36.49 2.85 2.39
CA CYS A 894 -35.30 2.36 1.70
C CYS A 894 -35.64 1.28 0.69
N ASN A 895 -36.61 0.44 1.03
CA ASN A 895 -37.03 -0.65 0.16
C ASN A 895 -37.62 -0.02 -1.13
N LYS A 896 -38.31 1.12 -0.95
CA LYS A 896 -38.87 1.86 -2.09
C LYS A 896 -37.78 2.44 -3.04
N LYS A 897 -36.68 2.94 -2.49
CA LYS A 897 -35.62 3.48 -3.34
C LYS A 897 -35.05 2.41 -4.34
N VAL A 898 -34.90 1.19 -3.83
CA VAL A 898 -34.54 0.00 -4.63
C VAL A 898 -35.58 -0.29 -5.72
N THR A 899 -36.81 -0.57 -5.29
CA THR A 899 -37.91 -0.96 -6.14
C THR A 899 -38.00 -0.07 -7.37
N GLU A 900 -37.66 1.19 -7.18
CA GLU A 900 -37.78 2.12 -8.27
C GLU A 900 -36.82 1.81 -9.39
N SER A 901 -35.62 1.38 -9.02
CA SER A 901 -34.56 1.15 -10.01
C SER A 901 -34.80 -0.14 -10.72
N LEU A 902 -35.28 -1.17 -9.99
CA LEU A 902 -35.66 -2.42 -10.63
C LEU A 902 -36.74 -2.19 -11.70
N ILE A 903 -37.69 -1.27 -11.45
CA ILE A 903 -38.75 -0.98 -12.43
C ILE A 903 -38.17 -0.44 -13.70
N LYS A 904 -37.25 0.54 -13.51
CA LYS A 904 -36.56 1.22 -14.60
C LYS A 904 -35.76 0.21 -15.38
N ALA A 905 -34.98 -0.59 -14.67
CA ALA A 905 -34.18 -1.59 -15.34
C ALA A 905 -35.01 -2.60 -16.12
N GLY A 906 -36.34 -2.49 -15.98
CA GLY A 906 -37.26 -3.40 -16.66
C GLY A 906 -37.26 -4.76 -16.01
N ALA A 907 -36.90 -4.83 -14.74
CA ALA A 907 -36.90 -6.09 -14.01
C ALA A 907 -38.29 -6.71 -13.97
N PHE A 908 -39.30 -5.88 -14.24
CA PHE A 908 -40.70 -6.29 -14.11
C PHE A 908 -41.47 -6.61 -15.37
N ASP A 909 -40.88 -6.27 -16.51
CA ASP A 909 -41.47 -6.50 -17.83
C ASP A 909 -41.91 -7.92 -18.07
N SER A 910 -41.26 -8.84 -17.36
CA SER A 910 -41.58 -10.24 -17.38
C SER A 910 -43.06 -10.42 -17.00
N LEU A 911 -43.57 -9.56 -16.12
CA LEU A 911 -44.93 -9.67 -15.65
C LEU A 911 -45.93 -9.21 -16.69
N GLY A 912 -45.49 -8.35 -17.61
CA GLY A 912 -46.26 -7.90 -18.76
C GLY A 912 -47.00 -6.59 -18.51
N HIS A 913 -46.51 -5.75 -17.59
CA HIS A 913 -47.13 -4.46 -17.32
C HIS A 913 -46.19 -3.33 -17.59
N ALA A 914 -46.67 -2.34 -18.35
CA ALA A 914 -45.97 -1.07 -18.62
C ALA A 914 -45.45 -0.52 -17.32
N ARG A 915 -44.35 0.20 -17.40
CA ARG A 915 -43.64 0.61 -16.20
C ARG A 915 -44.08 1.95 -15.65
N LYS A 916 -44.58 2.86 -16.52
CA LYS A 916 -45.01 4.17 -16.03
C LYS A 916 -46.06 3.91 -14.99
N GLY A 917 -46.94 2.93 -15.31
CA GLY A 917 -47.97 2.35 -14.44
C GLY A 917 -47.43 2.04 -13.06
N LEU A 918 -46.49 1.10 -13.02
CA LEU A 918 -45.88 0.62 -11.79
C LEU A 918 -45.32 1.71 -10.84
N PHE A 919 -44.75 2.79 -11.39
CA PHE A 919 -44.20 3.89 -10.57
C PHE A 919 -45.32 4.49 -9.74
N LEU A 920 -46.40 4.85 -10.45
CA LEU A 920 -47.61 5.39 -9.83
C LEU A 920 -48.14 4.44 -8.78
N VAL A 921 -48.26 3.15 -9.13
CA VAL A 921 -48.76 2.13 -8.19
C VAL A 921 -47.85 2.00 -6.96
N HIS A 922 -46.56 2.20 -7.17
CA HIS A 922 -45.57 2.09 -6.10
C HIS A 922 -45.68 3.21 -5.04
N SER A 923 -45.85 4.45 -5.52
CA SER A 923 -46.05 5.62 -4.64
C SER A 923 -47.25 5.44 -3.70
N ASP A 924 -48.39 5.05 -4.27
CA ASP A 924 -49.56 4.85 -3.43
C ASP A 924 -49.20 3.84 -2.37
N ALA A 925 -48.63 2.73 -2.81
CA ALA A 925 -48.34 1.62 -1.93
C ALA A 925 -47.56 2.09 -0.71
N VAL A 926 -46.57 2.95 -0.93
CA VAL A 926 -45.81 3.52 0.19
C VAL A 926 -46.66 4.38 1.17
N ASP A 927 -47.60 5.18 0.62
CA ASP A 927 -48.52 6.02 1.42
C ASP A 927 -49.63 5.23 2.18
#